data_3O4R
#
_entry.id   3O4R
#
_cell.length_a   60.070
_cell.length_b   132.200
_cell.length_c   133.796
_cell.angle_alpha   90.00
_cell.angle_beta   90.00
_cell.angle_gamma   90.00
#
_symmetry.space_group_name_H-M   'P 21 21 21'
#
loop_
_entity.id
_entity.type
_entity.pdbx_description
1 polymer 'Dehydrogenase/reductase SDR family member 4'
2 non-polymer 'NADP NICOTINAMIDE-ADENINE-DINUCLEOTIDE PHOSPHATE'
3 non-polymer 1,2-ETHANEDIOL
4 non-polymer '4-(2-HYDROXYETHYL)-1-PIPERAZINE ETHANESULFONIC ACID'
5 non-polymer GLYCEROL
6 water water
#
_entity_poly.entity_id   1
_entity_poly.type   'polypeptide(L)'
_entity_poly.pdbx_seq_one_letter_code
;SMASSGMTRRDPLANKVALVTASTDGIGFAIARRLAQDGAHVVVSSRKQQNVDQAVATLQGEGLSVTGTVCHVGKAEDRE
RLVATAVKLHGGIDILVSNAAVNPFFGSIMDVTEEVWDKTLDINVKAPALMTKAVVPEMEKRGGGSVVIVSSIAAFSPSP
GFSPYNVSKTALLGLTKTLAIELAPRNIRVNCLAPGLIKTSFSRMLWMDKEKEESMKETLRIRRLGEPEDCAGIVSFLCS
EDASYITGETVVVGGGTPSRL
;
_entity_poly.pdbx_strand_id   A,B,C,D
#
# COMPACT_ATOMS: atom_id res chain seq x y z
N THR A 8 15.91 0.83 39.65
CA THR A 8 16.38 1.99 38.82
C THR A 8 16.17 1.70 37.33
N ARG A 9 15.24 2.44 36.71
CA ARG A 9 14.91 2.23 35.28
C ARG A 9 16.13 2.46 34.36
N ARG A 10 16.47 1.45 33.56
CA ARG A 10 17.65 1.50 32.68
C ARG A 10 17.44 2.35 31.40
N ASP A 11 18.53 2.97 30.91
CA ASP A 11 18.53 3.67 29.61
C ASP A 11 18.37 2.67 28.46
N PRO A 12 17.43 2.93 27.52
CA PRO A 12 17.13 1.94 26.48
C PRO A 12 18.19 1.76 25.40
N LEU A 13 19.05 2.77 25.19
CA LEU A 13 20.22 2.67 24.31
C LEU A 13 21.53 2.74 25.09
N ALA A 14 21.50 2.26 26.33
CA ALA A 14 22.68 2.17 27.18
C ALA A 14 23.82 1.56 26.40
N ASN A 15 24.95 2.26 26.33
CA ASN A 15 26.19 1.70 25.78
C ASN A 15 26.16 1.43 24.26
N LYS A 16 25.28 2.12 23.52
CA LYS A 16 25.25 1.96 22.08
C LYS A 16 25.89 3.15 21.43
N VAL A 17 26.33 2.96 20.19
CA VAL A 17 27.00 4.00 19.45
C VAL A 17 26.21 4.26 18.18
N ALA A 18 25.89 5.51 17.92
CA ALA A 18 25.03 5.86 16.82
C ALA A 18 25.67 6.93 15.96
N LEU A 19 25.54 6.74 14.66
CA LEU A 19 25.80 7.77 13.68
C LEU A 19 24.45 8.30 13.22
N VAL A 20 24.32 9.63 13.09
CA VAL A 20 23.14 10.25 12.46
C VAL A 20 23.65 11.23 11.42
N THR A 21 23.35 11.00 10.14
CA THR A 21 23.80 11.95 9.12
C THR A 21 22.86 13.15 9.08
N ALA A 22 23.35 14.26 8.53
CA ALA A 22 22.59 15.50 8.41
C ALA A 22 21.88 15.86 9.69
N SER A 23 22.63 15.89 10.79
CA SER A 23 22.08 16.04 12.13
C SER A 23 22.55 17.30 12.87
N THR A 24 22.77 18.39 12.13
CA THR A 24 23.17 19.66 12.75
C THR A 24 22.02 20.68 12.79
N ASP A 25 20.87 20.30 12.22
CA ASP A 25 19.64 21.07 12.34
C ASP A 25 18.41 20.13 12.30
N GLY A 26 17.26 20.67 12.70
CA GLY A 26 15.96 20.08 12.45
C GLY A 26 15.80 18.64 12.89
N ILE A 27 15.21 17.83 12.01
CA ILE A 27 14.85 16.45 12.37
C ILE A 27 16.06 15.64 12.82
N GLY A 28 17.16 15.72 12.06
CA GLY A 28 18.37 14.93 12.40
C GLY A 28 18.91 15.31 13.75
N PHE A 29 18.96 16.61 14.00
CA PHE A 29 19.39 17.14 15.30
C PHE A 29 18.49 16.65 16.41
N ALA A 30 17.18 16.77 16.19
CA ALA A 30 16.23 16.27 17.19
C ALA A 30 16.45 14.77 17.44
N ILE A 31 16.70 14.00 16.38
CA ILE A 31 16.96 12.55 16.57
C ILE A 31 18.23 12.31 17.38
N ALA A 32 19.29 13.02 16.99
CA ALA A 32 20.60 12.92 17.66
C ALA A 32 20.47 13.18 19.16
N ARG A 33 19.77 14.27 19.50
CA ARG A 33 19.57 14.63 20.91
C ARG A 33 18.85 13.52 21.66
N ARG A 34 17.77 12.99 21.08
CA ARG A 34 17.01 11.92 21.79
C ARG A 34 17.81 10.64 21.97
N LEU A 35 18.55 10.21 20.95
CA LEU A 35 19.36 8.99 21.08
C LEU A 35 20.34 9.13 22.23
N ALA A 36 20.96 10.31 22.31
CA ALA A 36 21.91 10.65 23.37
C ALA A 36 21.20 10.73 24.70
N GLN A 37 20.04 11.40 24.73
CA GLN A 37 19.19 11.39 25.93
C GLN A 37 18.84 9.96 26.35
N ASP A 38 18.68 9.06 25.38
CA ASP A 38 18.37 7.67 25.68
C ASP A 38 19.58 6.76 25.93
N GLY A 39 20.76 7.37 26.09
CA GLY A 39 21.95 6.66 26.60
C GLY A 39 22.99 6.33 25.53
N ALA A 40 22.77 6.75 24.29
CA ALA A 40 23.68 6.44 23.20
C ALA A 40 24.81 7.45 23.10
N HIS A 41 25.99 6.97 22.71
CA HIS A 41 27.06 7.85 22.29
C HIS A 41 26.76 8.18 20.84
N VAL A 42 26.75 9.46 20.52
CA VAL A 42 26.32 9.87 19.19
C VAL A 42 27.36 10.75 18.50
N VAL A 43 27.54 10.51 17.21
CA VAL A 43 28.37 11.34 16.37
C VAL A 43 27.46 12.06 15.39
N VAL A 44 27.39 13.39 15.49
CA VAL A 44 26.64 14.19 14.54
C VAL A 44 27.53 14.63 13.38
N SER A 45 26.91 15.00 12.26
CA SER A 45 27.65 15.50 11.11
C SER A 45 26.75 16.21 10.15
N SER A 46 27.36 17.09 9.36
CA SER A 46 26.72 17.67 8.20
C SER A 46 27.83 18.24 7.32
N ARG A 47 27.47 19.02 6.30
CA ARG A 47 28.46 19.53 5.34
C ARG A 47 29.34 20.68 5.87
N LYS A 48 28.74 21.56 6.67
CA LYS A 48 29.36 22.83 7.11
C LYS A 48 29.93 22.68 8.52
N GLN A 49 31.22 22.95 8.68
CA GLN A 49 31.89 22.80 9.98
C GLN A 49 31.29 23.73 11.04
N GLN A 50 30.87 24.91 10.63
CA GLN A 50 30.25 25.87 11.56
C GLN A 50 28.89 25.36 12.05
N ASN A 51 28.24 24.47 11.29
CA ASN A 51 26.99 23.84 11.76
C ASN A 51 27.27 22.70 12.74
N VAL A 52 28.32 21.93 12.47
CA VAL A 52 28.73 20.84 13.35
C VAL A 52 29.11 21.31 14.76
N ASP A 53 29.90 22.39 14.86
CA ASP A 53 30.41 22.87 16.16
C ASP A 53 29.28 23.35 17.10
N GLN A 54 28.32 24.09 16.55
CA GLN A 54 27.17 24.63 17.29
CA GLN A 54 27.20 24.63 17.30
C GLN A 54 26.25 23.52 17.78
N ALA A 55 25.99 22.54 16.91
CA ALA A 55 25.20 21.36 17.29
C ALA A 55 25.89 20.59 18.41
N VAL A 56 27.19 20.41 18.29
CA VAL A 56 27.98 19.69 19.30
C VAL A 56 28.07 20.47 20.61
N ALA A 57 28.26 21.79 20.49
CA ALA A 57 28.35 22.67 21.66
C ALA A 57 27.02 22.64 22.41
N THR A 58 25.94 22.88 21.67
CA THR A 58 24.60 22.83 22.25
C THR A 58 24.37 21.51 22.99
N LEU A 59 24.64 20.38 22.33
CA LEU A 59 24.37 19.07 22.96
C LEU A 59 25.35 18.70 24.06
N GLN A 60 26.61 19.09 23.93
CA GLN A 60 27.56 18.87 25.02
C GLN A 60 27.20 19.77 26.20
N GLY A 61 26.72 20.97 25.89
CA GLY A 61 26.12 21.85 26.90
C GLY A 61 25.09 21.17 27.80
N GLU A 62 24.35 20.19 27.26
CA GLU A 62 23.32 19.47 28.02
C GLU A 62 23.85 18.22 28.73
N GLY A 63 25.15 17.98 28.67
CA GLY A 63 25.75 16.82 29.32
C GLY A 63 25.61 15.50 28.56
N LEU A 64 25.31 15.59 27.26
CA LEU A 64 25.08 14.41 26.43
C LEU A 64 26.38 13.94 25.78
N SER A 65 26.52 12.61 25.62
CA SER A 65 27.69 12.02 24.99
C SER A 65 27.65 12.20 23.47
N VAL A 66 28.03 13.41 23.04
CA VAL A 66 27.93 13.79 21.65
C VAL A 66 29.22 14.42 21.17
N THR A 67 29.68 13.97 19.99
CA THR A 67 30.78 14.61 19.28
C THR A 67 30.35 14.74 17.83
N GLY A 68 31.13 15.45 17.04
CA GLY A 68 30.75 15.74 15.66
C GLY A 68 31.93 15.77 14.70
N THR A 69 31.61 15.73 13.40
CA THR A 69 32.59 15.88 12.35
C THR A 69 31.89 16.28 11.04
N VAL A 70 32.62 16.86 10.10
CA VAL A 70 32.04 17.15 8.78
C VAL A 70 31.84 15.82 8.02
N CYS A 71 30.67 15.66 7.40
CA CYS A 71 30.41 14.53 6.49
C CYS A 71 29.34 14.90 5.51
N HIS A 72 29.76 15.17 4.28
CA HIS A 72 28.87 15.33 3.15
C HIS A 72 28.59 13.89 2.69
N VAL A 73 27.32 13.45 2.81
CA VAL A 73 26.98 12.06 2.50
C VAL A 73 27.23 11.68 1.03
N GLY A 74 27.29 12.68 0.15
CA GLY A 74 27.59 12.47 -1.26
C GLY A 74 29.06 12.12 -1.58
N LYS A 75 29.93 12.16 -0.57
CA LYS A 75 31.38 11.95 -0.73
C LYS A 75 31.82 10.66 -0.05
N ALA A 76 32.31 9.70 -0.82
CA ALA A 76 32.70 8.40 -0.25
C ALA A 76 33.76 8.55 0.84
N GLU A 77 34.71 9.46 0.63
CA GLU A 77 35.75 9.75 1.63
C GLU A 77 35.13 10.18 2.97
N ASP A 78 34.18 11.12 2.90
CA ASP A 78 33.48 11.58 4.11
C ASP A 78 32.73 10.45 4.80
N ARG A 79 32.03 9.61 4.02
CA ARG A 79 31.25 8.52 4.60
C ARG A 79 32.17 7.56 5.33
N GLU A 80 33.26 7.19 4.68
CA GLU A 80 34.20 6.22 5.29
C GLU A 80 34.92 6.85 6.49
N ARG A 81 35.23 8.15 6.39
CA ARG A 81 35.84 8.89 7.51
C ARG A 81 34.91 9.00 8.71
N LEU A 82 33.61 9.13 8.45
CA LEU A 82 32.61 9.19 9.52
C LEU A 82 32.64 7.90 10.33
N VAL A 83 32.70 6.76 9.64
CA VAL A 83 32.73 5.47 10.30
C VAL A 83 34.03 5.29 11.09
N ALA A 84 35.15 5.69 10.51
CA ALA A 84 36.48 5.59 11.19
C ALA A 84 36.54 6.41 12.48
N THR A 85 36.08 7.66 12.41
CA THR A 85 36.01 8.54 13.56
C THR A 85 35.23 7.89 14.71
N ALA A 86 34.05 7.35 14.40
CA ALA A 86 33.22 6.74 15.43
C ALA A 86 33.85 5.51 16.03
N VAL A 87 34.46 4.66 15.20
CA VAL A 87 35.06 3.41 15.68
C VAL A 87 36.27 3.68 16.60
N LYS A 88 37.08 4.66 16.21
CA LYS A 88 38.24 5.09 16.99
C LYS A 88 37.82 5.60 18.37
N LEU A 89 36.86 6.52 18.36
CA LEU A 89 36.39 7.15 19.59
C LEU A 89 35.64 6.19 20.49
N HIS A 90 34.75 5.38 19.93
CA HIS A 90 33.84 4.56 20.73
C HIS A 90 34.03 3.03 20.64
N GLY A 91 34.83 2.56 19.69
CA GLY A 91 35.13 1.11 19.57
C GLY A 91 34.16 0.26 18.76
N GLY A 92 33.17 0.91 18.12
CA GLY A 92 32.17 0.20 17.35
C GLY A 92 31.02 1.11 16.91
N ILE A 93 30.11 0.51 16.14
CA ILE A 93 28.89 1.18 15.68
C ILE A 93 27.71 0.20 15.78
N ASP A 94 26.63 0.67 16.43
CA ASP A 94 25.40 -0.11 16.61
C ASP A 94 24.21 0.43 15.82
N ILE A 95 24.23 1.72 15.51
CA ILE A 95 23.06 2.40 14.95
C ILE A 95 23.46 3.37 13.83
N LEU A 96 22.72 3.34 12.74
CA LEU A 96 22.85 4.37 11.70
C LEU A 96 21.48 4.98 11.40
N VAL A 97 21.40 6.32 11.45
CA VAL A 97 20.23 7.02 11.01
C VAL A 97 20.67 7.86 9.84
N SER A 98 20.09 7.60 8.68
CA SER A 98 20.43 8.33 7.48
C SER A 98 19.32 9.34 7.22
N ASN A 99 19.68 10.62 7.18
CA ASN A 99 18.69 11.71 7.18
C ASN A 99 18.92 12.78 6.12
N ALA A 100 20.00 12.69 5.35
CA ALA A 100 20.30 13.73 4.35
C ALA A 100 19.39 13.69 3.14
N ALA A 101 19.10 14.87 2.59
CA ALA A 101 18.39 14.97 1.31
C ALA A 101 18.78 16.27 0.60
N VAL A 102 18.69 16.27 -0.73
CA VAL A 102 18.97 17.50 -1.50
C VAL A 102 17.77 18.47 -1.50
N ASN A 103 18.02 19.74 -1.19
CA ASN A 103 16.95 20.75 -1.16
C ASN A 103 16.27 20.86 -2.54
N PRO A 104 15.00 20.42 -2.65
CA PRO A 104 14.37 20.41 -3.98
C PRO A 104 13.86 21.79 -4.40
N PHE A 105 14.23 22.20 -5.62
CA PHE A 105 13.70 23.42 -6.22
C PHE A 105 12.35 23.11 -6.87
N PHE A 106 11.38 23.99 -6.66
CA PHE A 106 10.04 23.82 -7.21
C PHE A 106 10.06 24.10 -8.71
N GLY A 107 9.61 23.14 -9.51
CA GLY A 107 9.54 23.35 -10.95
C GLY A 107 8.89 22.23 -11.74
N SER A 108 8.41 22.59 -12.93
CA SER A 108 7.83 21.61 -13.84
C SER A 108 8.88 20.59 -14.27
N ILE A 109 8.43 19.36 -14.50
CA ILE A 109 9.28 18.28 -14.96
C ILE A 109 9.93 18.63 -16.30
N MET A 110 9.28 19.52 -17.04
CA MET A 110 9.81 20.04 -18.29
C MET A 110 11.00 20.99 -18.07
N ASP A 111 11.16 21.51 -16.87
CA ASP A 111 12.25 22.42 -16.54
C ASP A 111 13.31 21.78 -15.65
N VAL A 112 13.05 20.58 -15.16
CA VAL A 112 14.08 19.84 -14.41
C VAL A 112 15.17 19.36 -15.37
N THR A 113 16.40 19.76 -15.08
CA THR A 113 17.56 19.38 -15.88
C THR A 113 18.06 18.01 -15.48
N GLU A 114 18.87 17.44 -16.36
CA GLU A 114 19.51 16.16 -16.13
C GLU A 114 20.45 16.17 -14.91
N GLU A 115 21.04 17.32 -14.64
CA GLU A 115 21.95 17.48 -13.50
C GLU A 115 21.20 17.40 -12.15
N VAL A 116 19.97 17.91 -12.14
CA VAL A 116 19.10 17.83 -10.94
C VAL A 116 18.73 16.38 -10.65
N TRP A 117 18.34 15.66 -11.71
CA TRP A 117 18.02 14.24 -11.60
C TRP A 117 19.21 13.47 -11.01
N ASP A 118 20.40 13.70 -11.59
CA ASP A 118 21.61 12.98 -11.18
C ASP A 118 21.91 13.26 -9.72
N LYS A 119 21.85 14.53 -9.32
CA LYS A 119 22.21 14.91 -7.95
C LYS A 119 21.17 14.38 -6.94
N THR A 120 19.91 14.42 -7.34
CA THR A 120 18.83 14.00 -6.45
C THR A 120 18.92 12.49 -6.20
N LEU A 121 19.05 11.72 -7.27
CA LEU A 121 19.20 10.27 -7.14
C LEU A 121 20.47 9.86 -6.38
N ASP A 122 21.57 10.60 -6.61
CA ASP A 122 22.85 10.33 -5.93
C ASP A 122 22.73 10.50 -4.42
N ILE A 123 22.41 11.71 -3.99
CA ILE A 123 22.40 12.07 -2.58
C ILE A 123 21.23 11.41 -1.83
N ASN A 124 20.07 11.38 -2.46
CA ASN A 124 18.85 10.88 -1.80
C ASN A 124 18.73 9.34 -1.80
N VAL A 125 19.28 8.65 -2.79
CA VAL A 125 19.08 7.20 -2.93
C VAL A 125 20.39 6.40 -2.86
N LYS A 126 21.36 6.75 -3.68
CA LYS A 126 22.66 6.03 -3.70
C LYS A 126 23.40 6.23 -2.38
N ALA A 127 23.51 7.48 -1.93
CA ALA A 127 24.27 7.76 -0.68
C ALA A 127 23.84 6.94 0.56
N PRO A 128 22.52 6.83 0.86
CA PRO A 128 22.18 5.98 2.03
C PRO A 128 22.51 4.52 1.86
N ALA A 129 22.40 4.02 0.63
CA ALA A 129 22.76 2.63 0.32
C ALA A 129 24.26 2.41 0.60
N LEU A 130 25.08 3.32 0.09
CA LEU A 130 26.54 3.24 0.31
C LEU A 130 26.92 3.55 1.77
N MET A 131 26.14 4.40 2.44
CA MET A 131 26.42 4.71 3.85
C MET A 131 26.10 3.50 4.71
N THR A 132 25.00 2.80 4.37
CA THR A 132 24.66 1.55 5.04
C THR A 132 25.73 0.47 4.82
N LYS A 133 26.15 0.28 3.58
CA LYS A 133 27.27 -0.62 3.23
C LYS A 133 28.51 -0.37 4.12
N ALA A 134 28.83 0.90 4.33
CA ALA A 134 30.01 1.29 5.11
C ALA A 134 29.90 0.91 6.59
N VAL A 135 28.69 0.88 7.15
CA VAL A 135 28.54 0.56 8.58
C VAL A 135 28.34 -0.93 8.84
N VAL A 136 27.93 -1.68 7.81
CA VAL A 136 27.56 -3.10 7.99
C VAL A 136 28.63 -3.98 8.67
N PRO A 137 29.90 -3.90 8.21
CA PRO A 137 30.93 -4.72 8.86
C PRO A 137 31.12 -4.40 10.34
N GLU A 138 31.01 -3.12 10.71
CA GLU A 138 31.13 -2.73 12.13
C GLU A 138 29.95 -3.24 12.93
N MET A 139 28.75 -3.09 12.38
CA MET A 139 27.57 -3.67 13.01
C MET A 139 27.68 -5.18 13.18
N GLU A 140 28.21 -5.89 12.18
CA GLU A 140 28.43 -7.34 12.30
C GLU A 140 29.24 -7.69 13.54
N LYS A 141 30.35 -6.98 13.77
CA LYS A 141 31.22 -7.20 14.95
C LYS A 141 30.45 -7.16 16.27
N ARG A 142 29.46 -6.27 16.35
CA ARG A 142 28.70 -6.06 17.59
C ARG A 142 27.61 -7.10 17.79
N GLY A 143 27.38 -7.95 16.79
CA GLY A 143 26.31 -8.94 16.84
C GLY A 143 25.01 -8.45 16.20
N GLY A 144 25.04 -7.27 15.58
CA GLY A 144 23.86 -6.72 14.92
C GLY A 144 23.81 -5.21 15.02
N GLY A 145 22.69 -4.63 14.60
CA GLY A 145 22.57 -3.18 14.62
C GLY A 145 21.20 -2.77 14.15
N SER A 146 21.02 -1.46 14.03
CA SER A 146 19.77 -0.90 13.60
C SER A 146 20.03 0.28 12.70
N VAL A 147 19.36 0.28 11.54
CA VAL A 147 19.42 1.32 10.54
C VAL A 147 18.00 1.93 10.37
N VAL A 148 17.94 3.25 10.35
CA VAL A 148 16.71 4.00 10.02
C VAL A 148 17.02 4.96 8.90
N ILE A 149 16.26 4.83 7.81
CA ILE A 149 16.34 5.72 6.66
C ILE A 149 15.19 6.74 6.74
N VAL A 150 15.47 8.01 6.46
CA VAL A 150 14.45 9.05 6.52
C VAL A 150 13.97 9.37 5.11
N SER A 151 12.73 8.98 4.79
CA SER A 151 12.12 9.28 3.48
C SER A 151 11.14 10.44 3.70
N SER A 152 9.87 10.27 3.36
CA SER A 152 8.89 11.34 3.48
C SER A 152 7.52 10.87 3.10
N ILE A 153 6.51 11.55 3.62
CA ILE A 153 5.14 11.32 3.23
C ILE A 153 5.04 11.46 1.73
N ALA A 154 5.90 12.30 1.15
CA ALA A 154 5.96 12.48 -0.31
C ALA A 154 6.16 11.17 -1.11
N ALA A 155 6.80 10.17 -0.51
CA ALA A 155 6.92 8.83 -1.10
C ALA A 155 5.56 8.20 -1.47
N PHE A 156 4.56 8.48 -0.67
CA PHE A 156 3.20 7.98 -0.83
C PHE A 156 2.30 9.00 -1.48
N SER A 157 2.48 10.27 -1.12
CA SER A 157 1.57 11.34 -1.55
C SER A 157 2.35 12.48 -2.19
N PRO A 158 2.74 12.36 -3.48
CA PRO A 158 3.52 13.40 -4.12
C PRO A 158 2.70 14.64 -4.49
N SER A 159 3.30 15.80 -4.28
CA SER A 159 2.77 17.06 -4.79
C SER A 159 3.49 17.37 -6.09
N PRO A 160 2.79 17.99 -7.05
CA PRO A 160 3.49 18.40 -8.26
C PRO A 160 4.55 19.47 -7.97
N GLY A 161 5.53 19.57 -8.86
CA GLY A 161 6.63 20.53 -8.70
C GLY A 161 7.89 19.97 -8.09
N PHE A 162 7.81 18.80 -7.44
CA PHE A 162 8.96 18.19 -6.77
C PHE A 162 9.27 16.78 -7.29
N SER A 163 9.14 16.56 -8.59
CA SER A 163 9.16 15.22 -9.15
C SER A 163 10.44 14.43 -8.80
N PRO A 164 11.63 15.00 -9.08
CA PRO A 164 12.86 14.29 -8.68
C PRO A 164 12.90 13.89 -7.20
N TYR A 165 12.59 14.83 -6.32
CA TYR A 165 12.56 14.55 -4.87
C TYR A 165 11.53 13.45 -4.53
N ASN A 166 10.35 13.54 -5.14
CA ASN A 166 9.27 12.60 -4.90
C ASN A 166 9.70 11.18 -5.23
N VAL A 167 10.23 11.00 -6.44
CA VAL A 167 10.74 9.72 -6.93
C VAL A 167 11.76 9.13 -5.96
N SER A 168 12.66 9.97 -5.44
CA SER A 168 13.76 9.53 -4.58
C SER A 168 13.25 9.05 -3.26
N LYS A 169 12.26 9.74 -2.72
CA LYS A 169 11.66 9.30 -1.45
C LYS A 169 10.86 8.00 -1.63
N THR A 170 10.16 7.85 -2.75
CA THR A 170 9.53 6.56 -2.98
C THR A 170 10.57 5.44 -3.10
N ALA A 171 11.66 5.72 -3.80
CA ALA A 171 12.77 4.76 -3.96
C ALA A 171 13.26 4.26 -2.61
N LEU A 172 13.31 5.17 -1.64
CA LEU A 172 13.76 4.82 -0.29
C LEU A 172 12.87 3.82 0.47
N LEU A 173 11.59 3.75 0.11
CA LEU A 173 10.71 2.68 0.61
C LEU A 173 11.24 1.33 0.13
N GLY A 174 11.67 1.25 -1.13
CA GLY A 174 12.25 0.01 -1.66
C GLY A 174 13.62 -0.30 -1.04
N LEU A 175 14.43 0.75 -0.85
CA LEU A 175 15.76 0.54 -0.31
C LEU A 175 15.62 -0.07 1.06
N THR A 176 14.67 0.48 1.81
CA THR A 176 14.39 0.00 3.16
C THR A 176 13.98 -1.49 3.19
N LYS A 177 13.03 -1.84 2.33
CA LYS A 177 12.51 -3.21 2.22
C LYS A 177 13.64 -4.16 1.77
N THR A 178 14.38 -3.78 0.76
CA THR A 178 15.38 -4.69 0.21
C THR A 178 16.58 -4.89 1.17
N LEU A 179 17.02 -3.85 1.86
CA LEU A 179 18.12 -3.94 2.82
C LEU A 179 17.69 -4.73 4.02
N ALA A 180 16.42 -4.58 4.41
CA ALA A 180 15.90 -5.33 5.58
C ALA A 180 15.99 -6.84 5.35
N ILE A 181 15.65 -7.28 4.14
CA ILE A 181 15.76 -8.71 3.78
C ILE A 181 17.22 -9.16 3.69
N GLU A 182 18.04 -8.38 2.98
CA GLU A 182 19.46 -8.72 2.79
C GLU A 182 20.27 -8.79 4.09
N LEU A 183 20.01 -7.86 5.00
CA LEU A 183 20.85 -7.73 6.19
C LEU A 183 20.30 -8.48 7.39
N ALA A 184 19.11 -9.05 7.25
CA ALA A 184 18.49 -9.83 8.33
C ALA A 184 19.39 -10.98 8.87
N PRO A 185 20.06 -11.74 7.98
CA PRO A 185 20.96 -12.80 8.52
C PRO A 185 22.15 -12.29 9.37
N ARG A 186 22.49 -11.00 9.25
CA ARG A 186 23.51 -10.37 10.08
C ARG A 186 22.91 -9.77 11.34
N ASN A 187 21.61 -10.02 11.55
CA ASN A 187 20.89 -9.45 12.67
C ASN A 187 20.89 -7.92 12.65
N ILE A 188 20.81 -7.34 11.45
CA ILE A 188 20.69 -5.90 11.30
C ILE A 188 19.25 -5.60 10.86
N ARG A 189 18.55 -4.81 11.67
CA ARG A 189 17.21 -4.36 11.34
C ARG A 189 17.30 -3.05 10.55
N VAL A 190 16.38 -2.89 9.61
CA VAL A 190 16.37 -1.70 8.71
C VAL A 190 14.91 -1.20 8.56
N ASN A 191 14.68 -0.01 9.05
CA ASN A 191 13.36 0.64 9.09
C ASN A 191 13.43 2.05 8.49
N CYS A 192 12.27 2.67 8.34
CA CYS A 192 12.17 3.95 7.69
C CYS A 192 11.22 4.90 8.43
N LEU A 193 11.66 6.15 8.56
CA LEU A 193 10.83 7.24 9.08
C LEU A 193 10.32 8.02 7.90
N ALA A 194 9.01 8.21 7.82
CA ALA A 194 8.42 9.03 6.73
C ALA A 194 7.65 10.21 7.33
N PRO A 195 8.36 11.34 7.58
CA PRO A 195 7.68 12.50 8.18
C PRO A 195 6.70 13.18 7.24
N GLY A 196 5.62 13.73 7.80
CA GLY A 196 4.79 14.67 7.05
C GLY A 196 5.44 16.06 7.05
N LEU A 197 4.62 17.11 7.03
CA LEU A 197 5.14 18.48 7.03
C LEU A 197 5.63 18.87 8.42
N ILE A 198 6.94 19.00 8.56
CA ILE A 198 7.60 19.37 9.80
C ILE A 198 8.14 20.79 9.61
N LYS A 199 8.06 21.61 10.65
CA LYS A 199 8.52 23.01 10.56
C LYS A 199 10.04 23.08 10.67
N THR A 200 10.69 23.20 9.52
CA THR A 200 12.15 23.30 9.43
C THR A 200 12.53 24.24 8.30
N SER A 201 13.82 24.56 8.21
CA SER A 201 14.30 25.40 7.12
C SER A 201 14.05 24.71 5.77
N PHE A 202 14.26 23.40 5.76
CA PHE A 202 14.01 22.58 4.56
C PHE A 202 12.61 22.81 3.96
N SER A 203 11.59 22.92 4.80
CA SER A 203 10.21 23.07 4.32
C SER A 203 9.66 24.50 4.33
N ARG A 204 10.52 25.49 4.62
CA ARG A 204 10.10 26.88 4.86
C ARG A 204 9.18 27.44 3.78
N MET A 205 9.44 27.07 2.53
CA MET A 205 8.63 27.49 1.39
CA MET A 205 8.62 27.52 1.41
C MET A 205 7.13 27.23 1.64
N LEU A 206 6.84 26.15 2.37
CA LEU A 206 5.46 25.71 2.62
C LEU A 206 4.84 26.24 3.92
N TRP A 207 5.61 26.93 4.76
CA TRP A 207 5.02 27.57 5.95
C TRP A 207 5.61 28.97 6.20
N MET A 208 6.06 29.60 5.12
CA MET A 208 6.73 30.90 5.17
C MET A 208 5.80 31.97 5.71
N ASP A 209 4.57 31.93 5.21
CA ASP A 209 3.50 32.87 5.50
C ASP A 209 2.48 32.17 6.39
N LYS A 210 1.78 32.92 7.24
CA LYS A 210 0.71 32.35 8.06
C LYS A 210 -0.47 31.89 7.19
N GLU A 211 -0.68 32.58 6.06
CA GLU A 211 -1.66 32.17 5.06
C GLU A 211 -1.29 30.83 4.42
N LYS A 212 -0.01 30.69 4.07
CA LYS A 212 0.48 29.46 3.46
C LYS A 212 0.51 28.29 4.47
N GLU A 213 0.78 28.58 5.73
CA GLU A 213 0.69 27.54 6.75
C GLU A 213 -0.75 27.04 6.89
N GLU A 214 -1.71 27.98 6.89
CA GLU A 214 -3.12 27.60 7.00
C GLU A 214 -3.62 26.88 5.75
N SER A 215 -3.12 27.29 4.60
CA SER A 215 -3.46 26.65 3.33
C SER A 215 -2.94 25.20 3.25
N MET A 216 -1.72 24.97 3.74
CA MET A 216 -1.14 23.64 3.74
C MET A 216 -1.87 22.71 4.72
N LYS A 217 -2.20 23.20 5.91
CA LYS A 217 -2.97 22.41 6.89
C LYS A 217 -4.28 21.89 6.30
N GLU A 218 -4.98 22.75 5.58
CA GLU A 218 -6.26 22.40 4.95
C GLU A 218 -6.04 21.38 3.83
N THR A 219 -4.99 21.58 3.03
CA THR A 219 -4.61 20.65 1.97
C THR A 219 -4.19 19.26 2.49
N LEU A 220 -3.47 19.24 3.61
CA LEU A 220 -2.91 18.01 4.17
C LEU A 220 -3.84 17.39 5.20
N ARG A 221 -4.95 18.08 5.51
CA ARG A 221 -5.97 17.53 6.42
C ARG A 221 -5.36 17.29 7.78
N ILE A 222 -4.63 18.28 8.26
CA ILE A 222 -3.93 18.21 9.53
C ILE A 222 -4.34 19.38 10.40
N ARG A 223 -4.23 19.17 11.71
CA ARG A 223 -4.55 20.18 12.70
C ARG A 223 -3.37 21.06 13.09
N ARG A 224 -2.15 20.56 12.88
CA ARG A 224 -0.93 21.32 13.14
C ARG A 224 0.21 20.76 12.30
N LEU A 225 1.22 21.59 12.05
CA LEU A 225 2.47 21.11 11.45
C LEU A 225 3.27 20.38 12.51
N GLY A 226 4.12 19.45 12.06
CA GLY A 226 5.01 18.77 12.98
C GLY A 226 6.18 19.61 13.43
N GLU A 227 6.76 19.22 14.55
CA GLU A 227 8.02 19.76 15.03
C GLU A 227 9.03 18.63 14.90
N PRO A 228 10.32 18.99 14.75
CA PRO A 228 11.39 18.00 14.71
C PRO A 228 11.27 16.95 15.80
N GLU A 229 11.04 17.37 17.04
CA GLU A 229 10.95 16.41 18.16
C GLU A 229 9.77 15.42 18.05
N ASP A 230 8.78 15.68 17.19
CA ASP A 230 7.69 14.72 16.95
C ASP A 230 8.18 13.43 16.26
N CYS A 231 9.35 13.52 15.60
CA CYS A 231 9.96 12.40 14.91
C CYS A 231 10.95 11.61 15.75
N ALA A 232 11.35 12.15 16.91
CA ALA A 232 12.49 11.63 17.67
C ALA A 232 12.21 10.33 18.41
N GLY A 233 11.04 10.25 19.03
CA GLY A 233 10.68 9.07 19.81
C GLY A 233 10.60 7.78 19.01
N ILE A 234 9.97 7.84 17.84
CA ILE A 234 9.79 6.62 17.08
C ILE A 234 11.15 6.09 16.60
N VAL A 235 12.04 7.00 16.22
CA VAL A 235 13.37 6.61 15.75
C VAL A 235 14.18 5.99 16.87
N SER A 236 14.13 6.58 18.07
CA SER A 236 14.84 6.01 19.23
C SER A 236 14.32 4.62 19.60
N PHE A 237 13.00 4.46 19.55
CA PHE A 237 12.36 3.15 19.78
C PHE A 237 12.82 2.12 18.76
N LEU A 238 12.78 2.49 17.49
CA LEU A 238 13.20 1.60 16.41
C LEU A 238 14.66 1.18 16.54
N CYS A 239 15.50 2.05 17.07
CA CYS A 239 16.93 1.80 17.23
C CYS A 239 17.24 0.94 18.45
N SER A 240 16.22 0.65 19.25
CA SER A 240 16.37 -0.08 20.51
C SER A 240 16.00 -1.55 20.40
N GLU A 241 16.49 -2.37 21.32
CA GLU A 241 16.22 -3.81 21.30
C GLU A 241 14.76 -4.12 21.64
N ASP A 242 14.04 -3.14 22.17
CA ASP A 242 12.60 -3.29 22.38
C ASP A 242 11.83 -3.44 21.08
N ALA A 243 12.41 -2.96 19.98
CA ALA A 243 11.83 -3.10 18.65
C ALA A 243 12.42 -4.27 17.84
N SER A 244 12.92 -5.30 18.53
CA SER A 244 13.66 -6.38 17.86
C SER A 244 12.83 -7.21 16.87
N TYR A 245 11.51 -7.08 16.93
CA TYR A 245 10.65 -7.78 15.98
C TYR A 245 10.08 -6.84 14.93
N ILE A 246 10.71 -5.69 14.79
CA ILE A 246 10.31 -4.74 13.76
C ILE A 246 11.49 -4.48 12.82
N THR A 247 11.33 -4.95 11.59
CA THR A 247 12.32 -4.68 10.56
C THR A 247 11.54 -4.64 9.27
N GLY A 248 12.08 -3.92 8.29
CA GLY A 248 11.38 -3.72 7.04
C GLY A 248 10.15 -2.80 7.11
N GLU A 249 10.05 -2.00 8.16
CA GLU A 249 8.85 -1.20 8.42
C GLU A 249 9.07 0.32 8.23
N THR A 250 8.18 0.95 7.45
CA THR A 250 8.11 2.41 7.38
C THR A 250 7.01 2.92 8.33
N VAL A 251 7.38 3.85 9.21
CA VAL A 251 6.43 4.49 10.10
C VAL A 251 6.26 5.94 9.68
N VAL A 252 5.05 6.28 9.26
CA VAL A 252 4.68 7.65 8.92
C VAL A 252 4.35 8.46 10.18
N VAL A 253 4.97 9.63 10.28
CA VAL A 253 4.74 10.58 11.36
C VAL A 253 4.24 11.88 10.71
N GLY A 254 2.94 11.91 10.42
CA GLY A 254 2.36 12.95 9.57
C GLY A 254 1.11 13.62 10.13
N GLY A 255 0.84 13.43 11.42
CA GLY A 255 -0.31 14.09 12.05
C GLY A 255 -1.67 13.77 11.44
N GLY A 256 -1.76 12.63 10.74
CA GLY A 256 -2.99 12.16 10.18
C GLY A 256 -3.15 12.40 8.70
N THR A 257 -2.25 13.18 8.10
CA THR A 257 -2.26 13.37 6.65
C THR A 257 -2.28 12.03 5.90
N PRO A 258 -3.04 11.94 4.79
CA PRO A 258 -3.15 10.68 4.10
C PRO A 258 -1.79 10.08 3.70
N SER A 259 -1.68 8.76 3.81
CA SER A 259 -0.45 8.07 3.44
C SER A 259 -0.84 6.79 2.70
N ARG A 260 -1.03 5.71 3.44
CA ARG A 260 -1.39 4.46 2.83
C ARG A 260 -1.90 3.55 3.93
N LEU A 261 -2.56 2.47 3.54
CA LEU A 261 -3.08 1.51 4.51
C LEU A 261 -1.94 0.77 5.20
N ARG B 10 -14.80 -1.81 -33.17
CA ARG B 10 -13.86 -0.79 -33.72
C ARG B 10 -12.41 -1.27 -33.60
N ASP B 11 -11.48 -0.41 -34.01
CA ASP B 11 -10.06 -0.60 -33.74
C ASP B 11 -9.66 0.47 -32.73
N PRO B 12 -9.55 0.09 -31.45
CA PRO B 12 -9.48 1.06 -30.35
C PRO B 12 -8.33 2.06 -30.44
N LEU B 13 -7.26 1.71 -31.15
CA LEU B 13 -6.11 2.62 -31.30
C LEU B 13 -5.94 3.09 -32.75
N ALA B 14 -7.01 3.02 -33.53
CA ALA B 14 -6.98 3.45 -34.94
C ALA B 14 -6.32 4.83 -35.08
N ASN B 15 -5.38 4.92 -36.01
CA ASN B 15 -4.67 6.17 -36.32
C ASN B 15 -3.80 6.74 -35.19
N LYS B 16 -3.63 5.98 -34.09
CA LYS B 16 -2.79 6.45 -33.00
C LYS B 16 -1.34 6.05 -33.27
N VAL B 17 -0.41 6.89 -32.83
CA VAL B 17 1.03 6.66 -33.02
C VAL B 17 1.73 6.38 -31.69
N ALA B 18 2.35 5.21 -31.59
CA ALA B 18 2.97 4.74 -30.34
C ALA B 18 4.48 4.50 -30.46
N LEU B 19 5.23 4.97 -29.47
CA LEU B 19 6.60 4.54 -29.25
C LEU B 19 6.60 3.51 -28.14
N VAL B 20 7.28 2.38 -28.35
CA VAL B 20 7.57 1.44 -27.26
C VAL B 20 9.08 1.27 -27.25
N THR B 21 9.73 1.61 -26.14
CA THR B 21 11.16 1.41 -26.05
C THR B 21 11.40 -0.04 -25.68
N ALA B 22 12.61 -0.52 -25.94
CA ALA B 22 13.00 -1.89 -25.63
C ALA B 22 11.98 -2.90 -26.13
N SER B 23 11.60 -2.77 -27.40
CA SER B 23 10.47 -3.53 -27.95
C SER B 23 10.84 -4.52 -29.05
N THR B 24 12.05 -5.10 -28.98
CA THR B 24 12.48 -6.08 -29.99
C THR B 24 12.49 -7.51 -29.45
N ASP B 25 12.09 -7.69 -28.20
CA ASP B 25 11.96 -9.02 -27.61
C ASP B 25 10.99 -8.96 -26.42
N GLY B 26 10.53 -10.13 -25.98
CA GLY B 26 9.78 -10.28 -24.73
C GLY B 26 8.56 -9.39 -24.58
N ILE B 27 8.47 -8.70 -23.44
CA ILE B 27 7.29 -7.94 -23.05
C ILE B 27 7.06 -6.76 -23.97
N GLY B 28 8.14 -6.03 -24.25
CA GLY B 28 8.08 -4.83 -25.09
C GLY B 28 7.63 -5.17 -26.50
N PHE B 29 8.14 -6.28 -27.03
CA PHE B 29 7.67 -6.79 -28.35
C PHE B 29 6.20 -7.21 -28.28
N ALA B 30 5.81 -7.97 -27.26
CA ALA B 30 4.40 -8.35 -27.12
C ALA B 30 3.47 -7.12 -27.08
N ILE B 31 3.93 -6.06 -26.42
CA ILE B 31 3.16 -4.81 -26.30
C ILE B 31 3.02 -4.14 -27.67
N ALA B 32 4.15 -4.04 -28.37
CA ALA B 32 4.20 -3.50 -29.72
C ALA B 32 3.27 -4.24 -30.68
N ARG B 33 3.33 -5.57 -30.66
CA ARG B 33 2.42 -6.40 -31.45
C ARG B 33 0.95 -6.07 -31.13
N ARG B 34 0.60 -6.04 -29.85
CA ARG B 34 -0.80 -5.80 -29.50
C ARG B 34 -1.28 -4.39 -29.88
N LEU B 35 -0.50 -3.38 -29.54
CA LEU B 35 -0.89 -2.00 -29.87
C LEU B 35 -1.17 -1.93 -31.35
N ALA B 36 -0.29 -2.56 -32.14
CA ALA B 36 -0.37 -2.60 -33.60
C ALA B 36 -1.62 -3.33 -34.08
N GLN B 37 -1.87 -4.50 -33.51
CA GLN B 37 -3.08 -5.24 -33.81
C GLN B 37 -4.36 -4.44 -33.51
N ASP B 38 -4.32 -3.64 -32.44
CA ASP B 38 -5.47 -2.80 -32.06
C ASP B 38 -5.54 -1.48 -32.86
N GLY B 39 -4.76 -1.38 -33.94
CA GLY B 39 -4.91 -0.28 -34.91
C GLY B 39 -3.82 0.76 -34.97
N ALA B 40 -2.89 0.72 -34.01
CA ALA B 40 -1.90 1.77 -33.88
C ALA B 40 -0.75 1.65 -34.87
N HIS B 41 -0.20 2.79 -35.24
CA HIS B 41 1.11 2.85 -35.86
C HIS B 41 2.15 2.79 -34.73
N VAL B 42 3.05 1.80 -34.79
CA VAL B 42 4.06 1.57 -33.75
C VAL B 42 5.45 1.73 -34.34
N VAL B 43 6.31 2.47 -33.65
CA VAL B 43 7.74 2.49 -33.93
C VAL B 43 8.44 1.70 -32.82
N VAL B 44 8.98 0.53 -33.19
CA VAL B 44 9.72 -0.32 -32.24
C VAL B 44 11.19 0.08 -32.23
N SER B 45 11.87 -0.16 -31.11
CA SER B 45 13.25 0.28 -30.96
C SER B 45 13.97 -0.48 -29.85
N SER B 46 15.28 -0.64 -30.03
CA SER B 46 16.19 -1.11 -28.98
C SER B 46 17.63 -0.79 -29.39
N ARG B 47 18.62 -1.31 -28.68
CA ARG B 47 20.02 -0.90 -28.90
C ARG B 47 20.58 -1.42 -30.21
N LYS B 48 20.20 -2.64 -30.58
CA LYS B 48 20.85 -3.39 -31.67
C LYS B 48 20.03 -3.33 -32.96
N GLN B 49 20.63 -2.81 -34.02
CA GLN B 49 19.94 -2.70 -35.31
C GLN B 49 19.37 -4.04 -35.79
N GLN B 50 20.15 -5.11 -35.63
CA GLN B 50 19.74 -6.45 -36.07
C GLN B 50 18.49 -6.93 -35.33
N ASN B 51 18.40 -6.64 -34.03
CA ASN B 51 17.21 -6.95 -33.26
C ASN B 51 16.00 -6.16 -33.77
N VAL B 52 16.23 -4.88 -34.06
CA VAL B 52 15.20 -3.99 -34.62
C VAL B 52 14.71 -4.56 -35.93
N ASP B 53 15.64 -4.87 -36.84
CA ASP B 53 15.29 -5.39 -38.17
C ASP B 53 14.39 -6.61 -38.08
N GLN B 54 14.78 -7.58 -37.27
CA GLN B 54 14.03 -8.84 -37.14
CA GLN B 54 14.03 -8.84 -37.14
C GLN B 54 12.64 -8.64 -36.53
N ALA B 55 12.52 -7.74 -35.56
CA ALA B 55 11.22 -7.45 -34.93
C ALA B 55 10.27 -6.85 -35.94
N VAL B 56 10.76 -5.83 -36.64
CA VAL B 56 9.99 -5.18 -37.70
C VAL B 56 9.56 -6.19 -38.76
N ALA B 57 10.50 -6.97 -39.27
CA ALA B 57 10.20 -7.96 -40.31
C ALA B 57 9.07 -8.89 -39.87
N THR B 58 9.17 -9.39 -38.63
CA THR B 58 8.17 -10.29 -38.09
C THR B 58 6.78 -9.65 -37.97
N LEU B 59 6.72 -8.37 -37.56
CA LEU B 59 5.43 -7.71 -37.39
C LEU B 59 4.83 -7.24 -38.72
N GLN B 60 5.67 -6.71 -39.61
CA GLN B 60 5.21 -6.31 -40.94
C GLN B 60 4.68 -7.50 -41.74
N GLY B 61 5.27 -8.68 -41.54
CA GLY B 61 4.78 -9.93 -42.11
C GLY B 61 3.42 -10.35 -41.59
N GLU B 62 3.04 -9.84 -40.41
CA GLU B 62 1.68 -9.99 -39.88
C GLU B 62 0.75 -8.86 -40.38
N GLY B 63 1.24 -8.04 -41.30
CA GLY B 63 0.45 -6.97 -41.90
C GLY B 63 0.23 -5.76 -41.00
N LEU B 64 1.05 -5.62 -39.96
CA LEU B 64 0.86 -4.56 -38.97
C LEU B 64 1.64 -3.32 -39.38
N SER B 65 1.16 -2.15 -38.95
CA SER B 65 1.83 -0.88 -39.27
C SER B 65 2.96 -0.58 -38.26
N VAL B 66 4.10 -1.23 -38.48
CA VAL B 66 5.23 -1.16 -37.56
C VAL B 66 6.52 -0.89 -38.34
N THR B 67 7.23 0.18 -37.96
CA THR B 67 8.57 0.46 -38.43
C THR B 67 9.54 0.44 -37.23
N GLY B 68 10.84 0.52 -37.49
CA GLY B 68 11.86 0.48 -36.42
C GLY B 68 12.92 1.56 -36.51
N THR B 69 13.66 1.72 -35.41
CA THR B 69 14.90 2.50 -35.41
C THR B 69 15.71 2.15 -34.16
N VAL B 70 17.03 2.37 -34.19
CA VAL B 70 17.85 2.14 -33.01
C VAL B 70 17.61 3.23 -31.99
N CYS B 71 17.45 2.83 -30.73
CA CYS B 71 17.39 3.78 -29.64
C CYS B 71 17.81 3.12 -28.33
N HIS B 72 19.00 3.49 -27.86
CA HIS B 72 19.48 3.15 -26.53
C HIS B 72 18.89 4.22 -25.64
N VAL B 73 17.91 3.85 -24.80
CA VAL B 73 17.21 4.84 -23.97
C VAL B 73 18.13 5.64 -23.04
N GLY B 74 19.36 5.17 -22.83
CA GLY B 74 20.32 5.85 -21.95
C GLY B 74 21.01 7.05 -22.61
N LYS B 75 20.82 7.20 -23.92
CA LYS B 75 21.47 8.25 -24.70
C LYS B 75 20.47 9.33 -25.11
N ALA B 76 20.70 10.54 -24.63
CA ALA B 76 19.84 11.69 -24.91
C ALA B 76 19.55 11.81 -26.40
N GLU B 77 20.58 11.65 -27.22
CA GLU B 77 20.45 11.85 -28.67
CA GLU B 77 20.44 11.85 -28.67
C GLU B 77 19.57 10.77 -29.31
N ASP B 78 19.66 9.53 -28.79
CA ASP B 78 18.80 8.43 -29.26
C ASP B 78 17.32 8.67 -28.92
N ARG B 79 17.05 9.25 -27.76
CA ARG B 79 15.68 9.54 -27.33
C ARG B 79 15.05 10.65 -28.19
N GLU B 80 15.78 11.75 -28.35
CA GLU B 80 15.40 12.85 -29.26
C GLU B 80 15.17 12.38 -30.70
N ARG B 81 16.05 11.52 -31.20
CA ARG B 81 15.91 10.97 -32.55
C ARG B 81 14.74 10.02 -32.71
N LEU B 82 14.40 9.29 -31.63
CA LEU B 82 13.24 8.40 -31.67
C LEU B 82 11.98 9.22 -31.92
N VAL B 83 11.85 10.31 -31.18
CA VAL B 83 10.68 11.17 -31.28
C VAL B 83 10.63 11.79 -32.69
N ALA B 84 11.76 12.33 -33.12
CA ALA B 84 11.89 12.94 -34.45
C ALA B 84 11.54 11.95 -35.55
N THR B 85 12.01 10.72 -35.42
CA THR B 85 11.70 9.66 -36.40
C THR B 85 10.20 9.42 -36.52
N ALA B 86 9.51 9.38 -35.38
CA ALA B 86 8.07 9.10 -35.34
C ALA B 86 7.28 10.28 -35.87
N VAL B 87 7.68 11.49 -35.48
CA VAL B 87 7.02 12.70 -35.94
C VAL B 87 7.15 12.89 -37.45
N LYS B 88 8.31 12.55 -38.00
CA LYS B 88 8.52 12.66 -39.45
C LYS B 88 7.68 11.66 -40.23
N LEU B 89 7.64 10.43 -39.75
CA LEU B 89 6.94 9.35 -40.44
C LEU B 89 5.42 9.49 -40.30
N HIS B 90 4.94 9.84 -39.11
CA HIS B 90 3.50 9.76 -38.82
C HIS B 90 2.81 11.08 -38.49
N GLY B 91 3.57 12.15 -38.25
CA GLY B 91 2.98 13.46 -37.99
C GLY B 91 2.80 13.84 -36.53
N GLY B 92 2.97 12.88 -35.62
CA GLY B 92 2.86 13.16 -34.18
C GLY B 92 3.00 11.92 -33.30
N ILE B 93 2.84 12.12 -31.99
CA ILE B 93 2.95 11.05 -30.98
C ILE B 93 1.76 11.08 -30.00
N ASP B 94 1.15 9.91 -29.78
CA ASP B 94 0.00 9.76 -28.88
C ASP B 94 0.34 8.91 -27.66
N ILE B 95 1.23 7.95 -27.84
CA ILE B 95 1.49 6.90 -26.84
C ILE B 95 2.99 6.67 -26.66
N LEU B 96 3.43 6.58 -25.40
CA LEU B 96 4.79 6.17 -25.07
C LEU B 96 4.66 5.01 -24.11
N VAL B 97 5.29 3.89 -24.42
CA VAL B 97 5.49 2.84 -23.41
C VAL B 97 6.99 2.70 -23.15
N SER B 98 7.41 2.90 -21.91
CA SER B 98 8.83 2.89 -21.55
C SER B 98 9.08 1.57 -20.87
N ASN B 99 9.92 0.72 -21.47
CA ASN B 99 10.02 -0.70 -21.09
C ASN B 99 11.46 -1.21 -20.80
N ALA B 100 12.45 -0.37 -21.02
CA ALA B 100 13.86 -0.79 -20.87
C ALA B 100 14.26 -0.88 -19.42
N ALA B 101 15.11 -1.86 -19.13
CA ALA B 101 15.78 -1.98 -17.84
C ALA B 101 17.19 -2.61 -18.02
N VAL B 102 18.09 -2.28 -17.11
CA VAL B 102 19.38 -2.96 -17.06
C VAL B 102 19.18 -4.42 -16.61
N ASN B 103 19.88 -5.36 -17.25
CA ASN B 103 19.84 -6.75 -16.78
C ASN B 103 20.48 -6.81 -15.39
N PRO B 104 19.78 -7.39 -14.42
CA PRO B 104 20.30 -7.44 -13.06
C PRO B 104 21.10 -8.73 -12.77
N PHE B 105 22.17 -8.59 -12.01
CA PHE B 105 22.99 -9.72 -11.57
C PHE B 105 22.77 -9.98 -10.09
N PHE B 106 22.61 -11.26 -9.75
CA PHE B 106 22.39 -11.66 -8.38
C PHE B 106 23.66 -11.37 -7.60
N GLY B 107 23.52 -10.61 -6.52
CA GLY B 107 24.65 -10.34 -5.65
C GLY B 107 24.27 -9.50 -4.45
N SER B 108 25.08 -9.59 -3.39
CA SER B 108 24.86 -8.86 -2.16
C SER B 108 25.02 -7.36 -2.40
N ILE B 109 24.22 -6.58 -1.67
CA ILE B 109 24.42 -5.14 -1.55
C ILE B 109 25.90 -4.83 -1.22
N MET B 110 26.54 -5.71 -0.45
CA MET B 110 27.94 -5.55 -0.07
C MET B 110 28.91 -5.63 -1.26
N ASP B 111 28.51 -6.34 -2.33
CA ASP B 111 29.33 -6.46 -3.55
C ASP B 111 28.89 -5.51 -4.68
N VAL B 112 27.79 -4.79 -4.52
CA VAL B 112 27.31 -3.91 -5.59
C VAL B 112 28.16 -2.63 -5.66
N THR B 113 28.81 -2.42 -6.80
CA THR B 113 29.65 -1.27 -6.99
C THR B 113 28.84 0.01 -7.19
N GLU B 114 29.49 1.13 -6.91
CA GLU B 114 28.91 2.43 -7.16
C GLU B 114 28.53 2.59 -8.62
N GLU B 115 29.32 1.99 -9.50
CA GLU B 115 29.05 2.07 -10.94
C GLU B 115 27.75 1.34 -11.29
N VAL B 116 27.47 0.23 -10.61
CA VAL B 116 26.21 -0.49 -10.82
C VAL B 116 25.02 0.37 -10.33
N TRP B 117 25.15 1.01 -9.17
CA TRP B 117 24.12 1.96 -8.71
C TRP B 117 23.82 3.05 -9.74
N ASP B 118 24.88 3.65 -10.28
CA ASP B 118 24.72 4.79 -11.20
C ASP B 118 24.00 4.37 -12.45
N LYS B 119 24.43 3.26 -13.02
CA LYS B 119 23.88 2.81 -14.28
C LYS B 119 22.41 2.37 -14.12
N THR B 120 22.12 1.70 -13.02
CA THR B 120 20.79 1.19 -12.80
C THR B 120 19.83 2.36 -12.60
N LEU B 121 20.19 3.30 -11.75
CA LEU B 121 19.36 4.48 -11.51
C LEU B 121 19.19 5.29 -12.80
N ASP B 122 20.27 5.34 -13.59
CA ASP B 122 20.24 6.12 -14.84
C ASP B 122 19.27 5.48 -15.83
N ILE B 123 19.56 4.25 -16.26
CA ILE B 123 18.71 3.57 -17.25
C ILE B 123 17.29 3.27 -16.72
N ASN B 124 17.16 2.81 -15.48
CA ASN B 124 15.85 2.37 -15.00
C ASN B 124 14.91 3.46 -14.50
N VAL B 125 15.47 4.57 -14.01
CA VAL B 125 14.68 5.65 -13.40
C VAL B 125 14.79 6.99 -14.17
N LYS B 126 16.01 7.48 -14.35
CA LYS B 126 16.18 8.77 -15.02
C LYS B 126 15.73 8.71 -16.47
N ALA B 127 16.08 7.64 -17.19
CA ALA B 127 15.77 7.58 -18.63
C ALA B 127 14.28 7.67 -18.95
N PRO B 128 13.44 6.89 -18.22
CA PRO B 128 11.98 6.99 -18.38
C PRO B 128 11.48 8.40 -18.21
N ALA B 129 11.98 9.09 -17.18
CA ALA B 129 11.59 10.47 -16.92
C ALA B 129 11.92 11.37 -18.10
N LEU B 130 13.13 11.24 -18.64
CA LEU B 130 13.59 12.10 -19.76
C LEU B 130 12.98 11.67 -21.07
N MET B 131 12.70 10.38 -21.23
CA MET B 131 11.99 9.91 -22.41
C MET B 131 10.57 10.49 -22.42
N THR B 132 9.96 10.58 -21.24
CA THR B 132 8.63 11.18 -21.13
C THR B 132 8.68 12.67 -21.45
N LYS B 133 9.66 13.37 -20.87
CA LYS B 133 9.90 14.79 -21.19
C LYS B 133 9.99 15.02 -22.69
N ALA B 134 10.68 14.13 -23.40
CA ALA B 134 10.85 14.28 -24.85
C ALA B 134 9.57 14.07 -25.67
N VAL B 135 8.57 13.35 -25.14
CA VAL B 135 7.29 13.15 -25.88
C VAL B 135 6.19 14.12 -25.45
N VAL B 136 6.34 14.81 -24.33
CA VAL B 136 5.28 15.66 -23.79
C VAL B 136 4.82 16.76 -24.81
N PRO B 137 5.78 17.54 -25.35
CA PRO B 137 5.34 18.59 -26.30
C PRO B 137 4.56 18.04 -27.49
N GLU B 138 4.95 16.89 -28.01
CA GLU B 138 4.21 16.29 -29.11
C GLU B 138 2.80 15.88 -28.67
N MET B 139 2.69 15.22 -27.51
CA MET B 139 1.38 14.79 -27.02
C MET B 139 0.42 15.98 -26.85
N GLU B 140 0.95 17.11 -26.36
CA GLU B 140 0.18 18.36 -26.24
C GLU B 140 -0.46 18.78 -27.55
N LYS B 141 0.31 18.68 -28.63
CA LYS B 141 -0.16 19.09 -29.95
C LYS B 141 -1.25 18.17 -30.52
N ARG B 142 -1.41 16.99 -29.90
CA ARG B 142 -2.43 16.01 -30.27
C ARG B 142 -3.67 16.08 -29.37
N GLY B 143 -3.60 16.92 -28.34
CA GLY B 143 -4.69 17.10 -27.38
C GLY B 143 -4.54 16.25 -26.13
N GLY B 144 -3.38 15.60 -25.99
CA GLY B 144 -3.13 14.70 -24.86
C GLY B 144 -2.58 13.37 -25.33
N GLY B 145 -2.40 12.45 -24.39
CA GLY B 145 -1.81 11.15 -24.74
C GLY B 145 -1.79 10.18 -23.57
N SER B 146 -1.07 9.09 -23.75
CA SER B 146 -0.97 8.04 -22.73
C SER B 146 0.49 7.58 -22.59
N VAL B 147 0.97 7.52 -21.34
CA VAL B 147 2.30 7.00 -21.05
C VAL B 147 2.13 5.79 -20.15
N VAL B 148 2.76 4.68 -20.51
CA VAL B 148 2.83 3.53 -19.62
C VAL B 148 4.30 3.25 -19.30
N ILE B 149 4.59 3.11 -18.01
CA ILE B 149 5.93 2.85 -17.50
C ILE B 149 5.96 1.39 -17.02
N VAL B 150 6.95 0.60 -17.43
CA VAL B 150 7.05 -0.79 -16.96
C VAL B 150 7.99 -0.86 -15.75
N SER B 151 7.40 -1.19 -14.60
CA SER B 151 8.15 -1.45 -13.38
C SER B 151 8.21 -2.97 -13.15
N SER B 152 7.82 -3.45 -11.97
CA SER B 152 7.93 -4.85 -11.67
C SER B 152 7.27 -5.13 -10.33
N ILE B 153 6.84 -6.36 -10.15
CA ILE B 153 6.41 -6.85 -8.84
C ILE B 153 7.52 -6.66 -7.79
N ALA B 154 8.78 -6.63 -8.23
CA ALA B 154 9.89 -6.36 -7.30
C ALA B 154 9.77 -5.01 -6.60
N ALA B 155 9.10 -4.04 -7.25
CA ALA B 155 8.78 -2.75 -6.63
C ALA B 155 8.05 -2.91 -5.28
N PHE B 156 7.17 -3.91 -5.19
CA PHE B 156 6.38 -4.15 -3.96
C PHE B 156 6.95 -5.25 -3.09
N SER B 157 7.55 -6.26 -3.70
CA SER B 157 7.95 -7.48 -2.99
C SER B 157 9.37 -7.83 -3.46
N PRO B 158 10.38 -7.14 -2.91
CA PRO B 158 11.74 -7.39 -3.40
C PRO B 158 12.23 -8.72 -2.89
N SER B 159 13.10 -9.37 -3.66
CA SER B 159 13.85 -10.53 -3.18
C SER B 159 15.30 -10.13 -3.00
N PRO B 160 16.00 -10.77 -2.06
CA PRO B 160 17.40 -10.41 -1.85
C PRO B 160 18.28 -10.77 -3.06
N GLY B 161 19.38 -10.05 -3.20
CA GLY B 161 20.33 -10.31 -4.24
C GLY B 161 20.17 -9.36 -5.41
N PHE B 162 19.08 -8.60 -5.45
CA PHE B 162 18.84 -7.65 -6.56
C PHE B 162 18.54 -6.24 -6.06
N SER B 163 19.16 -5.79 -4.98
CA SER B 163 18.76 -4.53 -4.36
CA SER B 163 18.82 -4.51 -4.35
C SER B 163 18.71 -3.31 -5.30
N PRO B 164 19.73 -3.11 -6.15
CA PRO B 164 19.65 -1.90 -6.97
C PRO B 164 18.46 -1.89 -7.93
N TYR B 165 18.21 -3.03 -8.56
CA TYR B 165 17.09 -3.21 -9.48
C TYR B 165 15.80 -3.01 -8.69
N ASN B 166 15.72 -3.63 -7.51
CA ASN B 166 14.55 -3.48 -6.65
C ASN B 166 14.23 -2.01 -6.38
N VAL B 167 15.23 -1.26 -5.94
CA VAL B 167 15.07 0.11 -5.54
C VAL B 167 14.59 0.93 -6.75
N SER B 168 15.13 0.64 -7.92
CA SER B 168 14.80 1.40 -9.13
C SER B 168 13.34 1.17 -9.58
N LYS B 169 12.86 -0.05 -9.36
CA LYS B 169 11.50 -0.43 -9.70
C LYS B 169 10.51 0.23 -8.74
N THR B 170 10.79 0.20 -7.43
CA THR B 170 9.98 1.02 -6.53
C THR B 170 9.97 2.52 -6.89
N ALA B 171 11.13 3.08 -7.27
CA ALA B 171 11.19 4.48 -7.72
C ALA B 171 10.20 4.74 -8.85
N LEU B 172 10.03 3.77 -9.73
CA LEU B 172 9.13 3.95 -10.87
C LEU B 172 7.63 4.09 -10.49
N LEU B 173 7.25 3.53 -9.35
CA LEU B 173 5.90 3.74 -8.85
C LEU B 173 5.71 5.22 -8.50
N GLY B 174 6.74 5.79 -7.86
CA GLY B 174 6.76 7.20 -7.52
C GLY B 174 6.76 8.06 -8.75
N LEU B 175 7.51 7.65 -9.77
CA LEU B 175 7.58 8.42 -11.03
C LEU B 175 6.23 8.46 -11.72
N THR B 176 5.58 7.30 -11.79
CA THR B 176 4.27 7.16 -12.41
C THR B 176 3.30 8.14 -11.72
N LYS B 177 3.27 8.12 -10.40
CA LYS B 177 2.32 8.93 -9.63
C LYS B 177 2.60 10.45 -9.73
N THR B 178 3.88 10.82 -9.69
CA THR B 178 4.23 12.23 -9.72
C THR B 178 4.00 12.80 -11.10
N LEU B 179 4.26 12.00 -12.13
CA LEU B 179 4.02 12.43 -13.53
C LEU B 179 2.53 12.49 -13.88
N ALA B 180 1.76 11.52 -13.38
CA ALA B 180 0.30 11.52 -13.59
C ALA B 180 -0.31 12.87 -13.15
N ILE B 181 0.02 13.31 -11.94
CA ILE B 181 -0.40 14.59 -11.40
C ILE B 181 0.15 15.77 -12.22
N GLU B 182 1.44 15.75 -12.54
CA GLU B 182 2.06 16.87 -13.27
C GLU B 182 1.51 17.08 -14.65
N LEU B 183 1.20 16.00 -15.34
CA LEU B 183 0.80 16.09 -16.75
C LEU B 183 -0.73 16.04 -16.97
N ALA B 184 -1.49 15.85 -15.90
CA ALA B 184 -2.97 15.79 -16.00
C ALA B 184 -3.57 17.04 -16.66
N PRO B 185 -3.10 18.24 -16.30
CA PRO B 185 -3.56 19.45 -17.00
C PRO B 185 -3.30 19.46 -18.51
N ARG B 186 -2.34 18.68 -19.00
CA ARG B 186 -2.15 18.54 -20.46
C ARG B 186 -2.99 17.40 -21.05
N ASN B 187 -3.87 16.81 -20.28
CA ASN B 187 -4.64 15.64 -20.73
C ASN B 187 -3.71 14.49 -21.13
N ILE B 188 -2.65 14.29 -20.36
CA ILE B 188 -1.74 13.17 -20.53
C ILE B 188 -1.89 12.22 -19.35
N ARG B 189 -2.31 10.99 -19.62
CA ARG B 189 -2.42 10.00 -18.56
C ARG B 189 -1.07 9.26 -18.44
N VAL B 190 -0.73 8.88 -17.22
CA VAL B 190 0.50 8.15 -16.94
C VAL B 190 0.13 6.99 -16.00
N ASN B 191 0.30 5.79 -16.49
CA ASN B 191 0.07 4.56 -15.70
C ASN B 191 1.26 3.59 -15.72
N CYS B 192 1.20 2.51 -14.95
CA CYS B 192 2.36 1.63 -14.83
C CYS B 192 1.94 0.17 -14.87
N LEU B 193 2.67 -0.61 -15.66
CA LEU B 193 2.58 -2.07 -15.66
C LEU B 193 3.65 -2.64 -14.72
N ALA B 194 3.24 -3.50 -13.78
CA ALA B 194 4.17 -4.17 -12.90
C ALA B 194 4.06 -5.70 -13.09
N PRO B 195 4.92 -6.29 -13.94
CA PRO B 195 4.79 -7.72 -14.20
C PRO B 195 5.34 -8.57 -13.06
N GLY B 196 4.77 -9.75 -12.91
CA GLY B 196 5.35 -10.77 -12.05
C GLY B 196 6.43 -11.50 -12.84
N LEU B 197 6.74 -12.73 -12.49
CA LEU B 197 7.78 -13.48 -13.19
C LEU B 197 7.26 -13.96 -14.53
N ILE B 198 7.74 -13.31 -15.59
CA ILE B 198 7.43 -13.65 -16.98
C ILE B 198 8.59 -14.43 -17.61
N LYS B 199 8.28 -15.47 -18.38
CA LYS B 199 9.30 -16.29 -19.05
C LYS B 199 9.90 -15.53 -20.22
N THR B 200 11.02 -14.85 -19.99
CA THR B 200 11.76 -14.15 -21.04
C THR B 200 13.24 -14.38 -20.75
N SER B 201 14.10 -13.93 -21.66
CA SER B 201 15.54 -14.07 -21.44
CA SER B 201 15.54 -14.05 -21.45
C SER B 201 16.00 -13.28 -20.22
N PHE B 202 15.40 -12.10 -20.02
CA PHE B 202 15.69 -11.24 -18.87
C PHE B 202 15.68 -12.00 -17.56
N SER B 203 14.75 -12.93 -17.42
CA SER B 203 14.56 -13.65 -16.16
C SER B 203 15.03 -15.10 -16.22
N ARG B 204 15.80 -15.45 -17.23
CA ARG B 204 16.12 -16.87 -17.49
C ARG B 204 16.82 -17.57 -16.34
N MET B 205 17.52 -16.81 -15.49
CA MET B 205 18.16 -17.37 -14.28
C MET B 205 17.14 -18.02 -13.34
N LEU B 206 15.89 -17.57 -13.44
CA LEU B 206 14.85 -18.05 -12.54
C LEU B 206 14.00 -19.17 -13.13
N TRP B 207 14.15 -19.50 -14.41
CA TRP B 207 13.35 -20.57 -14.99
C TRP B 207 14.04 -21.59 -15.93
N MET B 208 15.27 -21.33 -16.37
CA MET B 208 15.93 -22.24 -17.33
C MET B 208 16.08 -23.67 -16.78
N ASP B 209 16.41 -23.79 -15.51
CA ASP B 209 16.39 -25.10 -14.86
C ASP B 209 14.95 -25.43 -14.41
N LYS B 210 14.45 -26.59 -14.82
CA LYS B 210 13.06 -26.98 -14.56
C LYS B 210 12.74 -27.07 -13.07
N GLU B 211 13.70 -27.54 -12.28
CA GLU B 211 13.52 -27.63 -10.83
C GLU B 211 13.54 -26.23 -10.19
N LYS B 212 14.29 -25.31 -10.79
CA LYS B 212 14.29 -23.91 -10.36
C LYS B 212 12.93 -23.26 -10.63
N GLU B 213 12.36 -23.53 -11.81
CA GLU B 213 11.04 -23.01 -12.19
C GLU B 213 9.97 -23.45 -11.18
N GLU B 214 9.94 -24.74 -10.88
CA GLU B 214 9.01 -25.28 -9.88
C GLU B 214 9.22 -24.64 -8.51
N SER B 215 10.49 -24.44 -8.15
CA SER B 215 10.84 -23.79 -6.89
C SER B 215 10.32 -22.34 -6.82
N MET B 216 10.42 -21.61 -7.94
CA MET B 216 9.96 -20.23 -8.00
CA MET B 216 9.96 -20.24 -8.00
C MET B 216 8.43 -20.15 -7.96
N LYS B 217 7.76 -21.12 -8.58
CA LYS B 217 6.29 -21.20 -8.52
C LYS B 217 5.82 -21.33 -7.07
N GLU B 218 6.42 -22.25 -6.33
CA GLU B 218 6.09 -22.42 -4.92
C GLU B 218 6.39 -21.15 -4.10
N THR B 219 7.58 -20.59 -4.30
CA THR B 219 7.99 -19.38 -3.59
C THR B 219 7.07 -18.20 -3.91
N LEU B 220 6.75 -18.01 -5.18
CA LEU B 220 5.93 -16.89 -5.65
C LEU B 220 4.40 -17.14 -5.54
N ARG B 221 4.01 -18.37 -5.21
CA ARG B 221 2.61 -18.74 -4.99
C ARG B 221 1.77 -18.59 -6.24
N ILE B 222 2.33 -19.06 -7.34
CA ILE B 222 1.72 -18.90 -8.64
C ILE B 222 1.56 -20.30 -9.24
N ARG B 223 0.63 -20.42 -10.19
CA ARG B 223 0.32 -21.70 -10.82
C ARG B 223 1.11 -21.92 -12.10
N ARG B 224 1.58 -20.81 -12.67
CA ARG B 224 2.44 -20.83 -13.82
C ARG B 224 3.18 -19.52 -13.87
N LEU B 225 4.23 -19.48 -14.69
CA LEU B 225 4.95 -18.27 -14.97
C LEU B 225 4.19 -17.55 -16.05
N GLY B 226 4.36 -16.24 -16.08
CA GLY B 226 3.75 -15.41 -17.11
C GLY B 226 4.43 -15.59 -18.45
N GLU B 227 3.75 -15.08 -19.48
CA GLU B 227 4.27 -15.04 -20.85
C GLU B 227 4.17 -13.59 -21.30
N PRO B 228 5.02 -13.17 -22.24
CA PRO B 228 4.95 -11.77 -22.67
C PRO B 228 3.55 -11.29 -23.02
N GLU B 229 2.77 -12.13 -23.70
CA GLU B 229 1.42 -11.73 -24.14
C GLU B 229 0.48 -11.49 -22.97
N ASP B 230 0.73 -12.10 -21.81
CA ASP B 230 -0.07 -11.85 -20.63
C ASP B 230 -0.04 -10.38 -20.17
N CYS B 231 0.97 -9.61 -20.60
CA CYS B 231 1.11 -8.21 -20.26
C CYS B 231 0.53 -7.24 -21.28
N ALA B 232 0.24 -7.73 -22.48
CA ALA B 232 -0.03 -6.83 -23.63
C ALA B 232 -1.43 -6.20 -23.61
N GLY B 233 -2.42 -6.96 -23.16
CA GLY B 233 -3.81 -6.48 -23.16
C GLY B 233 -4.08 -5.32 -22.22
N ILE B 234 -3.54 -5.39 -21.00
CA ILE B 234 -3.73 -4.31 -20.03
C ILE B 234 -3.05 -3.03 -20.51
N VAL B 235 -1.86 -3.17 -21.11
CA VAL B 235 -1.16 -1.99 -21.60
C VAL B 235 -1.93 -1.31 -22.75
N SER B 236 -2.40 -2.11 -23.69
CA SER B 236 -3.15 -1.57 -24.84
C SER B 236 -4.47 -0.95 -24.39
N PHE B 237 -5.14 -1.61 -23.45
CA PHE B 237 -6.31 -1.00 -22.79
C PHE B 237 -5.99 0.38 -22.20
N LEU B 238 -4.96 0.44 -21.33
CA LEU B 238 -4.59 1.69 -20.65
C LEU B 238 -4.24 2.82 -21.62
N CYS B 239 -3.84 2.47 -22.83
CA CYS B 239 -3.50 3.44 -23.87
C CYS B 239 -4.70 3.90 -24.68
N SER B 240 -5.84 3.22 -24.51
CA SER B 240 -7.06 3.56 -25.23
C SER B 240 -7.91 4.57 -24.46
N GLU B 241 -8.82 5.22 -25.17
CA GLU B 241 -9.72 6.21 -24.57
C GLU B 241 -10.77 5.56 -23.66
N ASP B 242 -10.92 4.25 -23.80
CA ASP B 242 -11.72 3.47 -22.89
C ASP B 242 -11.17 3.50 -21.45
N ALA B 243 -9.89 3.86 -21.32
CA ALA B 243 -9.26 4.03 -20.01
C ALA B 243 -9.13 5.49 -19.58
N SER B 244 -9.94 6.39 -20.17
CA SER B 244 -9.75 7.84 -19.97
C SER B 244 -9.89 8.35 -18.53
N TYR B 245 -10.50 7.56 -17.66
CA TYR B 245 -10.61 7.90 -16.25
C TYR B 245 -9.66 7.06 -15.38
N ILE B 246 -8.62 6.48 -15.98
CA ILE B 246 -7.53 5.78 -15.25
C ILE B 246 -6.19 6.49 -15.49
N THR B 247 -5.65 7.08 -14.43
CA THR B 247 -4.33 7.69 -14.45
C THR B 247 -3.74 7.55 -13.06
N GLY B 248 -2.40 7.54 -13.00
CA GLY B 248 -1.70 7.39 -11.70
C GLY B 248 -1.80 5.99 -11.13
N GLU B 249 -2.09 5.03 -12.01
CA GLU B 249 -2.44 3.69 -11.59
C GLU B 249 -1.33 2.68 -11.92
N THR B 250 -0.98 1.81 -10.98
CA THR B 250 -0.11 0.69 -11.30
C THR B 250 -0.95 -0.61 -11.33
N VAL B 251 -0.88 -1.34 -12.42
CA VAL B 251 -1.54 -2.64 -12.55
C VAL B 251 -0.52 -3.79 -12.50
N VAL B 252 -0.64 -4.66 -11.50
CA VAL B 252 0.19 -5.85 -11.35
C VAL B 252 -0.37 -7.02 -12.19
N VAL B 253 0.49 -7.56 -13.06
CA VAL B 253 0.20 -8.74 -13.87
C VAL B 253 1.12 -9.86 -13.40
N GLY B 254 0.70 -10.57 -12.36
CA GLY B 254 1.59 -11.46 -11.64
C GLY B 254 1.03 -12.81 -11.27
N GLY B 255 -0.12 -13.18 -11.84
CA GLY B 255 -0.72 -14.49 -11.61
C GLY B 255 -1.10 -14.75 -10.17
N GLY B 256 -1.33 -13.68 -9.41
CA GLY B 256 -1.75 -13.76 -8.03
C GLY B 256 -0.64 -13.76 -7.02
N THR B 257 0.61 -13.64 -7.50
CA THR B 257 1.72 -13.52 -6.57
C THR B 257 1.51 -12.29 -5.67
N PRO B 258 1.84 -12.39 -4.38
CA PRO B 258 1.58 -11.26 -3.48
C PRO B 258 2.20 -9.95 -3.96
N SER B 259 1.45 -8.87 -3.82
CA SER B 259 1.89 -7.56 -4.26
C SER B 259 1.47 -6.52 -3.22
N ARG B 260 0.26 -5.99 -3.34
CA ARG B 260 -0.26 -5.10 -2.32
C ARG B 260 -1.76 -4.91 -2.47
N LEU B 261 -2.40 -4.40 -1.42
CA LEU B 261 -3.84 -4.12 -1.44
C LEU B 261 -4.22 -3.15 -2.55
N ARG C 9 13.97 10.45 34.65
CA ARG C 9 13.37 9.87 33.41
C ARG C 9 11.96 9.37 33.73
N ARG C 10 10.96 10.08 33.19
CA ARG C 10 9.56 9.94 33.63
C ARG C 10 8.90 8.65 33.16
N ASP C 11 7.80 8.31 33.82
CA ASP C 11 6.87 7.30 33.34
C ASP C 11 6.09 7.94 32.19
N PRO C 12 6.22 7.40 30.97
CA PRO C 12 5.58 8.05 29.81
C PRO C 12 4.04 8.04 29.81
N LEU C 13 3.44 7.18 30.63
CA LEU C 13 1.97 7.14 30.77
C LEU C 13 1.52 7.47 32.20
N ALA C 14 2.31 8.26 32.92
CA ALA C 14 1.98 8.68 34.30
C ALA C 14 0.56 9.25 34.40
N ASN C 15 -0.20 8.78 35.39
CA ASN C 15 -1.56 9.29 35.66
C ASN C 15 -2.58 9.03 34.55
N LYS C 16 -2.26 8.14 33.61
CA LYS C 16 -3.15 7.86 32.49
C LYS C 16 -3.97 6.61 32.83
N VAL C 17 -5.16 6.54 32.25
CA VAL C 17 -6.06 5.43 32.48
C VAL C 17 -6.35 4.71 31.18
N ALA C 18 -6.16 3.39 31.22
CA ALA C 18 -6.18 2.55 30.03
C ALA C 18 -7.13 1.37 30.15
N LEU C 19 -7.99 1.20 29.15
CA LEU C 19 -8.71 -0.05 28.95
C LEU C 19 -7.98 -0.87 27.89
N VAL C 20 -7.71 -2.13 28.19
CA VAL C 20 -7.24 -3.07 27.18
C VAL C 20 -8.27 -4.20 27.11
N THR C 21 -8.97 -4.36 25.98
CA THR C 21 -9.88 -5.52 25.81
C THR C 21 -9.06 -6.79 25.60
N ALA C 22 -9.62 -7.95 25.96
CA ALA C 22 -9.00 -9.23 25.68
C ALA C 22 -7.58 -9.31 26.20
N SER C 23 -7.40 -8.90 27.46
CA SER C 23 -6.08 -8.69 28.04
C SER C 23 -5.71 -9.68 29.17
N THR C 24 -6.24 -10.90 29.11
CA THR C 24 -5.98 -11.91 30.15
C THR C 24 -5.00 -13.01 29.70
N ASP C 25 -4.55 -12.92 28.45
CA ASP C 25 -3.57 -13.84 27.92
C ASP C 25 -2.83 -13.18 26.76
N GLY C 26 -1.64 -13.68 26.44
CA GLY C 26 -0.91 -13.31 25.22
C GLY C 26 -0.60 -11.84 24.96
N ILE C 27 -0.88 -11.39 23.75
CA ILE C 27 -0.55 -10.03 23.35
C ILE C 27 -1.23 -9.01 24.26
N GLY C 28 -2.53 -9.18 24.48
CA GLY C 28 -3.30 -8.25 25.26
C GLY C 28 -2.77 -8.13 26.68
N PHE C 29 -2.42 -9.27 27.27
CA PHE C 29 -1.84 -9.29 28.61
C PHE C 29 -0.51 -8.54 28.64
N ALA C 30 0.35 -8.79 27.65
CA ALA C 30 1.65 -8.14 27.58
C ALA C 30 1.53 -6.62 27.39
N ILE C 31 0.58 -6.19 26.56
CA ILE C 31 0.31 -4.77 26.41
C ILE C 31 -0.11 -4.17 27.76
N ALA C 32 -1.06 -4.83 28.44
CA ALA C 32 -1.53 -4.40 29.76
C ALA C 32 -0.38 -4.26 30.73
N ARG C 33 0.50 -5.26 30.78
CA ARG C 33 1.62 -5.23 31.71
C ARG C 33 2.52 -4.05 31.40
N ARG C 34 2.79 -3.79 30.12
CA ARG C 34 3.71 -2.72 29.77
C ARG C 34 3.10 -1.34 29.99
N LEU C 35 1.81 -1.18 29.70
CA LEU C 35 1.15 0.10 29.96
C LEU C 35 1.28 0.47 31.44
N ALA C 36 1.04 -0.51 32.31
CA ALA C 36 1.14 -0.34 33.76
C ALA C 36 2.58 -0.12 34.27
N GLN C 37 3.55 -0.80 33.67
CA GLN C 37 4.99 -0.56 33.95
C GLN C 37 5.38 0.87 33.57
N ASP C 38 4.73 1.41 32.54
CA ASP C 38 4.97 2.77 32.09
C ASP C 38 4.11 3.83 32.81
N GLY C 39 3.43 3.46 33.91
CA GLY C 39 2.73 4.41 34.78
C GLY C 39 1.21 4.43 34.71
N ALA C 40 0.63 3.70 33.77
CA ALA C 40 -0.81 3.73 33.54
C ALA C 40 -1.59 2.94 34.57
N HIS C 41 -2.81 3.41 34.85
CA HIS C 41 -3.81 2.63 35.55
C HIS C 41 -4.57 1.83 34.52
N VAL C 42 -4.53 0.51 34.67
CA VAL C 42 -5.09 -0.40 33.68
C VAL C 42 -6.23 -1.25 34.23
N VAL C 43 -7.32 -1.28 33.48
CA VAL C 43 -8.38 -2.24 33.71
C VAL C 43 -8.27 -3.33 32.65
N VAL C 44 -7.93 -4.55 33.07
CA VAL C 44 -7.89 -5.70 32.16
C VAL C 44 -9.27 -6.38 32.12
N SER C 45 -9.53 -7.13 31.05
CA SER C 45 -10.85 -7.71 30.83
C SER C 45 -10.84 -8.79 29.73
N SER C 46 -11.71 -9.79 29.91
CA SER C 46 -11.99 -10.82 28.91
C SER C 46 -13.30 -11.54 29.27
N ARG C 47 -13.67 -12.55 28.48
CA ARG C 47 -14.97 -13.21 28.63
C ARG C 47 -15.10 -14.00 29.92
N LYS C 48 -14.02 -14.67 30.33
CA LYS C 48 -14.08 -15.63 31.46
C LYS C 48 -13.52 -15.06 32.76
N GLN C 49 -14.38 -14.98 33.79
CA GLN C 49 -13.99 -14.42 35.10
C GLN C 49 -12.72 -15.05 35.69
N GLN C 50 -12.51 -16.34 35.44
CA GLN C 50 -11.33 -17.05 35.97
C GLN C 50 -10.02 -16.50 35.40
N ASN C 51 -10.02 -16.13 34.12
CA ASN C 51 -8.86 -15.55 33.45
C ASN C 51 -8.58 -14.13 33.94
N VAL C 52 -9.66 -13.36 34.10
CA VAL C 52 -9.57 -12.01 34.64
C VAL C 52 -8.96 -12.05 36.04
N ASP C 53 -9.45 -12.98 36.87
CA ASP C 53 -8.97 -13.14 38.25
C ASP C 53 -7.44 -13.33 38.32
N GLN C 54 -6.92 -14.31 37.60
CA GLN C 54 -5.48 -14.62 37.66
C GLN C 54 -4.62 -13.59 36.90
N ALA C 55 -5.19 -12.96 35.88
CA ALA C 55 -4.52 -11.86 35.19
C ALA C 55 -4.24 -10.76 36.18
N VAL C 56 -5.27 -10.35 36.91
CA VAL C 56 -5.17 -9.29 37.91
C VAL C 56 -4.25 -9.69 39.06
N ALA C 57 -4.41 -10.92 39.51
CA ALA C 57 -3.59 -11.46 40.59
C ALA C 57 -2.11 -11.32 40.22
N THR C 58 -1.76 -11.84 39.04
CA THR C 58 -0.38 -11.81 38.55
C THR C 58 0.18 -10.39 38.51
N LEU C 59 -0.53 -9.50 37.85
CA LEU C 59 -0.06 -8.11 37.67
C LEU C 59 -0.04 -7.28 38.97
N GLN C 60 -1.02 -7.48 39.86
CA GLN C 60 -1.02 -6.79 41.15
C GLN C 60 0.12 -7.30 42.04
N GLY C 61 0.44 -8.58 41.92
CA GLY C 61 1.58 -9.17 42.62
C GLY C 61 2.94 -8.69 42.14
N GLU C 62 2.98 -8.01 41.00
CA GLU C 62 4.18 -7.31 40.50
C GLU C 62 4.17 -5.84 40.89
N GLY C 63 3.13 -5.41 41.61
CA GLY C 63 3.04 -4.06 42.13
C GLY C 63 2.51 -3.06 41.11
N LEU C 64 1.78 -3.55 40.11
CA LEU C 64 1.27 -2.68 39.05
C LEU C 64 -0.17 -2.27 39.36
N SER C 65 -0.51 -1.02 39.03
CA SER C 65 -1.84 -0.48 39.26
C SER C 65 -2.81 -1.05 38.22
N VAL C 66 -3.27 -2.27 38.49
CA VAL C 66 -4.12 -3.01 37.58
C VAL C 66 -5.31 -3.64 38.34
N THR C 67 -6.50 -3.50 37.78
CA THR C 67 -7.69 -4.22 38.26
C THR C 67 -8.38 -4.81 37.05
N GLY C 68 -9.40 -5.62 37.28
CA GLY C 68 -10.08 -6.33 36.20
C GLY C 68 -11.58 -6.36 36.31
N THR C 69 -12.21 -6.77 35.21
CA THR C 69 -13.66 -6.92 35.15
C THR C 69 -13.93 -7.78 33.91
N VAL C 70 -15.06 -8.48 33.92
CA VAL C 70 -15.42 -9.30 32.78
C VAL C 70 -15.98 -8.39 31.67
N CYS C 71 -15.54 -8.64 30.44
CA CYS C 71 -16.09 -7.93 29.29
C CYS C 71 -15.97 -8.79 28.05
N HIS C 72 -17.11 -9.30 27.59
CA HIS C 72 -17.24 -9.89 26.26
C HIS C 72 -17.50 -8.67 25.36
N VAL C 73 -16.61 -8.42 24.40
CA VAL C 73 -16.72 -7.19 23.59
C VAL C 73 -17.88 -7.22 22.60
N GLY C 74 -18.41 -8.40 22.32
CA GLY C 74 -19.63 -8.55 21.53
C GLY C 74 -20.92 -8.13 22.23
N LYS C 75 -20.88 -7.96 23.55
CA LYS C 75 -22.06 -7.54 24.33
C LYS C 75 -22.06 -6.06 24.67
N ALA C 76 -23.05 -5.33 24.16
CA ALA C 76 -23.18 -3.90 24.43
C ALA C 76 -23.12 -3.61 25.93
N GLU C 77 -23.78 -4.45 26.71
CA GLU C 77 -23.89 -4.25 28.15
C GLU C 77 -22.53 -4.35 28.82
N ASP C 78 -21.73 -5.33 28.39
CA ASP C 78 -20.34 -5.47 28.85
C ASP C 78 -19.45 -4.28 28.46
N ARG C 79 -19.57 -3.79 27.21
CA ARG C 79 -18.76 -2.65 26.80
C ARG C 79 -19.03 -1.42 27.68
N GLU C 80 -20.30 -1.02 27.72
CA GLU C 80 -20.76 0.07 28.59
C GLU C 80 -20.35 -0.08 30.04
N ARG C 81 -20.47 -1.30 30.57
CA ARG C 81 -20.08 -1.56 31.96
C ARG C 81 -18.58 -1.43 32.17
N LEU C 82 -17.78 -1.86 31.19
CA LEU C 82 -16.32 -1.73 31.28
C LEU C 82 -15.95 -0.26 31.43
N VAL C 83 -16.58 0.59 30.60
CA VAL C 83 -16.33 2.01 30.66
C VAL C 83 -16.75 2.58 32.02
N ALA C 84 -17.96 2.23 32.46
CA ALA C 84 -18.48 2.63 33.78
C ALA C 84 -17.52 2.23 34.90
N THR C 85 -17.04 0.99 34.85
CA THR C 85 -16.09 0.47 35.86
C THR C 85 -14.82 1.32 35.97
N ALA C 86 -14.27 1.71 34.82
CA ALA C 86 -13.07 2.55 34.80
C ALA C 86 -13.35 3.98 35.26
N VAL C 87 -14.47 4.55 34.80
CA VAL C 87 -14.84 5.92 35.19
C VAL C 87 -15.06 6.03 36.70
N LYS C 88 -15.81 5.07 37.25
CA LYS C 88 -16.09 5.03 38.70
C LYS C 88 -14.79 4.93 39.50
N LEU C 89 -13.90 4.03 39.10
CA LEU C 89 -12.67 3.73 39.86
C LEU C 89 -11.53 4.75 39.70
N HIS C 90 -11.38 5.31 38.50
CA HIS C 90 -10.25 6.21 38.22
C HIS C 90 -10.63 7.63 37.85
N GLY C 91 -11.87 7.87 37.44
CA GLY C 91 -12.34 9.23 37.20
C GLY C 91 -12.39 9.63 35.74
N GLY C 92 -11.85 8.78 34.86
CA GLY C 92 -11.89 9.02 33.41
C GLY C 92 -11.10 7.98 32.63
N ILE C 93 -11.03 8.16 31.31
CA ILE C 93 -10.30 7.23 30.43
C ILE C 93 -9.48 7.99 29.39
N ASP C 94 -8.21 7.62 29.26
CA ASP C 94 -7.27 8.24 28.31
C ASP C 94 -6.92 7.35 27.13
N ILE C 95 -6.90 6.04 27.37
CA ILE C 95 -6.39 5.06 26.45
C ILE C 95 -7.33 3.87 26.30
N LEU C 96 -7.62 3.50 25.05
CA LEU C 96 -8.26 2.22 24.72
C LEU C 96 -7.39 1.35 23.80
N VAL C 97 -7.14 0.11 24.20
CA VAL C 97 -6.58 -0.89 23.29
C VAL C 97 -7.59 -2.01 23.04
N SER C 98 -7.99 -2.15 21.78
CA SER C 98 -8.96 -3.14 21.35
C SER C 98 -8.22 -4.34 20.73
N ASN C 99 -8.27 -5.47 21.42
CA ASN C 99 -7.41 -6.61 21.09
C ASN C 99 -8.19 -7.90 20.77
N ALA C 100 -9.50 -7.93 20.98
CA ALA C 100 -10.27 -9.18 20.79
C ALA C 100 -10.40 -9.66 19.34
N ALA C 101 -10.46 -10.98 19.18
CA ALA C 101 -10.74 -11.62 17.90
C ALA C 101 -11.43 -12.95 18.13
N VAL C 102 -12.32 -13.33 17.23
CA VAL C 102 -12.89 -14.69 17.21
C VAL C 102 -11.86 -15.69 16.67
N ASN C 103 -11.60 -16.74 17.46
CA ASN C 103 -10.71 -17.82 17.07
C ASN C 103 -11.18 -18.45 15.78
N PRO C 104 -10.40 -18.30 14.69
CA PRO C 104 -10.84 -18.81 13.42
C PRO C 104 -10.48 -20.29 13.23
N PHE C 105 -11.40 -21.05 12.64
CA PHE C 105 -11.15 -22.46 12.30
C PHE C 105 -10.76 -22.57 10.83
N PHE C 106 -9.76 -23.39 10.54
CA PHE C 106 -9.34 -23.64 9.17
C PHE C 106 -10.50 -24.26 8.41
N GLY C 107 -10.79 -23.74 7.22
CA GLY C 107 -11.89 -24.27 6.43
C GLY C 107 -12.08 -23.55 5.10
N SER C 108 -12.66 -24.27 4.14
CA SER C 108 -12.93 -23.71 2.83
C SER C 108 -14.08 -22.72 2.90
N ILE C 109 -14.08 -21.78 1.95
CA ILE C 109 -15.15 -20.80 1.83
C ILE C 109 -16.47 -21.54 1.57
N MET C 110 -16.36 -22.72 0.96
CA MET C 110 -17.52 -23.54 0.65
C MET C 110 -18.18 -24.14 1.90
N ASP C 111 -17.43 -24.22 3.00
CA ASP C 111 -17.97 -24.72 4.26
C ASP C 111 -18.11 -23.64 5.34
N VAL C 112 -17.84 -22.37 5.01
CA VAL C 112 -18.05 -21.29 5.96
C VAL C 112 -19.54 -20.96 5.99
N THR C 113 -20.13 -21.09 7.16
CA THR C 113 -21.56 -20.86 7.32
C THR C 113 -21.82 -19.38 7.47
N GLU C 114 -23.04 -18.98 7.18
CA GLU C 114 -23.50 -17.61 7.34
C GLU C 114 -23.33 -17.12 8.79
N GLU C 115 -23.47 -18.03 9.74
CA GLU C 115 -23.33 -17.71 11.17
C GLU C 115 -21.87 -17.38 11.54
N VAL C 116 -20.93 -17.99 10.81
CA VAL C 116 -19.50 -17.73 11.02
C VAL C 116 -19.14 -16.33 10.49
N TRP C 117 -19.61 -15.99 9.29
CA TRP C 117 -19.45 -14.64 8.77
C TRP C 117 -20.01 -13.58 9.73
N ASP C 118 -21.22 -13.79 10.22
CA ASP C 118 -21.88 -12.86 11.15
C ASP C 118 -21.08 -12.68 12.42
N LYS C 119 -20.65 -13.77 13.04
CA LYS C 119 -19.93 -13.68 14.29
C LYS C 119 -18.55 -13.00 14.12
N THR C 120 -17.86 -13.34 13.03
CA THR C 120 -16.53 -12.82 12.78
C THR C 120 -16.60 -11.30 12.57
N LEU C 121 -17.48 -10.87 11.68
CA LEU C 121 -17.69 -9.45 11.40
C LEU C 121 -18.19 -8.69 12.63
N ASP C 122 -19.04 -9.31 13.45
CA ASP C 122 -19.53 -8.68 14.66
C ASP C 122 -18.39 -8.43 15.65
N ILE C 123 -17.76 -9.52 16.08
CA ILE C 123 -16.74 -9.44 17.10
C ILE C 123 -15.48 -8.72 16.59
N ASN C 124 -15.05 -9.00 15.35
CA ASN C 124 -13.76 -8.47 14.88
C ASN C 124 -13.81 -7.06 14.30
N VAL C 125 -14.97 -6.61 13.83
CA VAL C 125 -15.12 -5.34 13.13
C VAL C 125 -16.09 -4.37 13.83
N LYS C 126 -17.34 -4.78 13.99
CA LYS C 126 -18.34 -3.94 14.65
C LYS C 126 -17.98 -3.67 16.12
N ALA C 127 -17.52 -4.67 16.84
CA ALA C 127 -17.29 -4.47 18.27
C ALA C 127 -16.21 -3.45 18.60
N PRO C 128 -15.08 -3.48 17.87
CA PRO C 128 -14.14 -2.40 18.12
C PRO C 128 -14.68 -1.02 17.81
N ALA C 129 -15.51 -0.88 16.77
CA ALA C 129 -16.10 0.43 16.46
C ALA C 129 -17.03 0.91 17.57
N LEU C 130 -17.82 -0.02 18.14
CA LEU C 130 -18.76 0.35 19.20
C LEU C 130 -18.05 0.54 20.51
N MET C 131 -16.99 -0.24 20.76
CA MET C 131 -16.16 -0.01 21.95
C MET C 131 -15.51 1.37 21.92
N THR C 132 -15.04 1.79 20.76
CA THR C 132 -14.43 3.11 20.63
C THR C 132 -15.48 4.20 20.87
N LYS C 133 -16.65 4.04 20.27
CA LYS C 133 -17.80 4.93 20.51
C LYS C 133 -18.08 5.08 22.01
N ALA C 134 -18.04 3.98 22.75
CA ALA C 134 -18.26 4.03 24.18
C ALA C 134 -17.23 4.86 24.94
N VAL C 135 -15.99 4.93 24.46
CA VAL C 135 -14.95 5.70 25.17
C VAL C 135 -14.81 7.15 24.73
N VAL C 136 -15.24 7.48 23.52
CA VAL C 136 -15.00 8.84 23.01
C VAL C 136 -15.42 9.95 24.00
N PRO C 137 -16.67 9.92 24.51
CA PRO C 137 -17.11 11.00 25.44
C PRO C 137 -16.21 11.17 26.67
N GLU C 138 -15.71 10.07 27.20
CA GLU C 138 -14.77 10.12 28.34
C GLU C 138 -13.39 10.67 27.95
N MET C 139 -12.93 10.37 26.74
CA MET C 139 -11.66 10.93 26.25
C MET C 139 -11.78 12.43 25.99
N GLU C 140 -12.92 12.85 25.44
CA GLU C 140 -13.24 14.27 25.24
C GLU C 140 -13.09 15.08 26.52
N LYS C 141 -13.49 14.51 27.63
CA LYS C 141 -13.46 15.17 28.93
C LYS C 141 -12.05 15.25 29.53
N ARG C 142 -11.11 14.47 29.00
CA ARG C 142 -9.73 14.53 29.43
C ARG C 142 -8.89 15.41 28.51
N GLY C 143 -9.50 15.92 27.44
CA GLY C 143 -8.80 16.75 26.46
C GLY C 143 -8.28 15.98 25.26
N GLY C 144 -8.61 14.68 25.22
CA GLY C 144 -8.20 13.79 24.13
C GLY C 144 -7.85 12.40 24.62
N GLY C 145 -7.27 11.59 23.74
CA GLY C 145 -6.84 10.26 24.11
C GLY C 145 -6.21 9.50 22.96
N SER C 146 -5.90 8.23 23.22
CA SER C 146 -5.27 7.36 22.24
C SER C 146 -5.99 6.01 22.15
N VAL C 147 -6.31 5.61 20.92
CA VAL C 147 -6.87 4.29 20.66
C VAL C 147 -5.91 3.47 19.80
N VAL C 148 -5.68 2.21 20.18
CA VAL C 148 -4.95 1.24 19.36
C VAL C 148 -5.80 0.01 19.07
N ILE C 149 -6.00 -0.27 17.79
CA ILE C 149 -6.74 -1.43 17.32
C ILE C 149 -5.76 -2.54 16.92
N VAL C 150 -5.98 -3.78 17.36
CA VAL C 150 -5.12 -4.89 16.92
C VAL C 150 -5.66 -5.61 15.68
N SER C 151 -4.99 -5.42 14.55
CA SER C 151 -5.33 -6.17 13.35
C SER C 151 -4.38 -7.37 13.23
N SER C 152 -3.77 -7.53 12.06
CA SER C 152 -2.88 -8.64 11.79
C SER C 152 -2.18 -8.42 10.46
N ILE C 153 -1.06 -9.11 10.32
CA ILE C 153 -0.37 -9.22 9.03
C ILE C 153 -1.29 -9.86 7.99
N ALA C 154 -2.23 -10.70 8.44
CA ALA C 154 -3.24 -11.29 7.56
C ALA C 154 -4.02 -10.24 6.79
N ALA C 155 -4.17 -9.05 7.36
CA ALA C 155 -4.85 -7.93 6.66
C ALA C 155 -4.20 -7.60 5.33
N PHE C 156 -2.88 -7.77 5.25
CA PHE C 156 -2.10 -7.51 4.02
C PHE C 156 -1.80 -8.82 3.26
N SER C 157 -1.54 -9.90 3.99
CA SER C 157 -1.10 -11.17 3.40
C SER C 157 -1.98 -12.29 3.97
N PRO C 158 -3.13 -12.53 3.34
CA PRO C 158 -4.03 -13.56 3.89
C PRO C 158 -3.56 -14.97 3.56
N SER C 159 -3.69 -15.90 4.50
CA SER C 159 -3.51 -17.33 4.20
C SER C 159 -4.84 -17.97 3.82
N PRO C 160 -4.83 -18.91 2.85
CA PRO C 160 -6.07 -19.65 2.56
C PRO C 160 -6.56 -20.42 3.81
N GLY C 161 -7.86 -20.64 3.87
CA GLY C 161 -8.47 -21.33 4.99
C GLY C 161 -9.02 -20.45 6.11
N PHE C 162 -8.73 -19.14 6.10
CA PHE C 162 -9.22 -18.24 7.15
C PHE C 162 -9.86 -16.98 6.60
N SER C 163 -10.66 -17.13 5.56
CA SER C 163 -11.16 -15.99 4.82
C SER C 163 -11.98 -14.98 5.63
N PRO C 164 -12.93 -15.46 6.48
CA PRO C 164 -13.66 -14.49 7.28
C PRO C 164 -12.75 -13.66 8.19
N TYR C 165 -11.88 -14.35 8.93
CA TYR C 165 -10.86 -13.70 9.74
C TYR C 165 -10.01 -12.71 8.93
N ASN C 166 -9.53 -13.15 7.78
CA ASN C 166 -8.67 -12.31 6.90
C ASN C 166 -9.41 -11.01 6.54
N VAL C 167 -10.65 -11.16 6.04
CA VAL C 167 -11.50 -10.03 5.68
C VAL C 167 -11.68 -9.05 6.84
N SER C 168 -11.86 -9.58 8.05
CA SER C 168 -12.09 -8.75 9.22
C SER C 168 -10.84 -7.97 9.63
N LYS C 169 -9.67 -8.52 9.37
CA LYS C 169 -8.43 -7.87 9.75
C LYS C 169 -8.08 -6.76 8.74
N THR C 170 -8.41 -6.98 7.48
CA THR C 170 -8.27 -5.93 6.48
C THR C 170 -9.25 -4.78 6.77
N ALA C 171 -10.51 -5.09 7.01
CA ALA C 171 -11.50 -4.10 7.47
C ALA C 171 -10.97 -3.22 8.61
N LEU C 172 -10.22 -3.78 9.55
CA LEU C 172 -9.68 -3.02 10.67
C LEU C 172 -8.67 -1.95 10.25
N LEU C 173 -8.01 -2.12 9.10
CA LEU C 173 -7.13 -1.09 8.55
C LEU C 173 -7.97 0.13 8.22
N GLY C 174 -9.12 -0.12 7.59
CA GLY C 174 -10.09 0.91 7.24
C GLY C 174 -10.72 1.58 8.43
N LEU C 175 -11.00 0.79 9.47
CA LEU C 175 -11.60 1.30 10.68
C LEU C 175 -10.62 2.24 11.38
N THR C 176 -9.35 1.88 11.38
CA THR C 176 -8.32 2.71 11.97
C THR C 176 -8.23 4.05 11.24
N LYS C 177 -8.24 4.01 9.91
CA LYS C 177 -8.14 5.24 9.13
C LYS C 177 -9.36 6.15 9.32
N THR C 178 -10.55 5.57 9.13
CA THR C 178 -11.80 6.33 9.17
C THR C 178 -12.03 6.96 10.53
N LEU C 179 -11.72 6.23 11.60
CA LEU C 179 -11.82 6.76 12.95
C LEU C 179 -10.78 7.80 13.28
N ALA C 180 -9.56 7.65 12.76
CA ALA C 180 -8.50 8.65 12.99
C ALA C 180 -8.95 9.99 12.38
N ILE C 181 -9.56 9.94 11.21
CA ILE C 181 -10.04 11.19 10.58
C ILE C 181 -11.24 11.73 11.37
N GLU C 182 -12.20 10.86 11.71
CA GLU C 182 -13.41 11.27 12.44
C GLU C 182 -13.10 11.91 13.78
N LEU C 183 -12.17 11.33 14.52
CA LEU C 183 -11.95 11.70 15.91
C LEU C 183 -10.82 12.69 16.15
N ALA C 184 -10.15 13.13 15.08
CA ALA C 184 -9.04 14.07 15.18
C ALA C 184 -9.47 15.43 15.79
N PRO C 185 -10.65 15.97 15.40
CA PRO C 185 -11.12 17.21 16.05
C PRO C 185 -11.29 17.12 17.59
N ARG C 186 -11.54 15.92 18.11
CA ARG C 186 -11.56 15.72 19.57
C ARG C 186 -10.20 15.43 20.20
N ASN C 187 -9.11 15.58 19.41
CA ASN C 187 -7.76 15.26 19.89
C ASN C 187 -7.63 13.81 20.32
N ILE C 188 -8.34 12.91 19.65
CA ILE C 188 -8.20 11.48 19.90
C ILE C 188 -7.42 10.88 18.73
N ARG C 189 -6.31 10.23 19.07
CA ARG C 189 -5.50 9.51 18.09
C ARG C 189 -5.92 8.05 17.99
N VAL C 190 -5.92 7.54 16.75
CA VAL C 190 -6.29 6.14 16.48
C VAL C 190 -5.23 5.51 15.58
N ASN C 191 -4.58 4.47 16.08
CA ASN C 191 -3.58 3.72 15.35
C ASN C 191 -3.83 2.20 15.50
N CYS C 192 -3.06 1.41 14.75
CA CYS C 192 -3.29 -0.02 14.65
C CYS C 192 -1.96 -0.79 14.76
N LEU C 193 -1.97 -1.86 15.55
CA LEU C 193 -0.89 -2.84 15.59
C LEU C 193 -1.25 -4.04 14.74
N ALA C 194 -0.36 -4.40 13.82
CA ALA C 194 -0.53 -5.55 12.94
C ALA C 194 0.59 -6.57 13.18
N PRO C 195 0.36 -7.49 14.13
CA PRO C 195 1.40 -8.46 14.43
C PRO C 195 1.53 -9.53 13.36
N GLY C 196 2.74 -10.04 13.21
CA GLY C 196 2.97 -11.25 12.44
C GLY C 196 2.67 -12.44 13.35
N LEU C 197 3.41 -13.53 13.13
CA LEU C 197 3.18 -14.76 13.89
C LEU C 197 3.80 -14.63 15.26
N ILE C 198 2.94 -14.61 16.27
CA ILE C 198 3.33 -14.49 17.67
C ILE C 198 2.95 -15.79 18.36
N LYS C 199 3.82 -16.30 19.22
CA LYS C 199 3.59 -17.57 19.94
C LYS C 199 2.59 -17.36 21.07
N THR C 200 1.33 -17.71 20.80
CA THR C 200 0.25 -17.63 21.78
C THR C 200 -0.70 -18.80 21.55
N SER C 201 -1.70 -18.98 22.41
CA SER C 201 -2.70 -20.04 22.22
C SER C 201 -3.46 -19.85 20.91
N PHE C 202 -3.82 -18.60 20.61
CA PHE C 202 -4.53 -18.24 19.37
C PHE C 202 -3.90 -18.87 18.14
N SER C 203 -2.58 -18.87 18.08
CA SER C 203 -1.84 -19.27 16.88
C SER C 203 -1.22 -20.68 16.97
N ARG C 204 -1.48 -21.38 18.07
CA ARG C 204 -0.82 -22.67 18.37
C ARG C 204 -0.80 -23.64 17.18
N MET C 205 -1.90 -23.71 16.45
CA MET C 205 -1.99 -24.56 15.26
C MET C 205 -0.77 -24.39 14.34
N LEU C 206 -0.27 -23.17 14.22
CA LEU C 206 0.85 -22.88 13.33
C LEU C 206 2.24 -23.09 13.96
N TRP C 207 2.31 -23.46 15.24
CA TRP C 207 3.62 -23.71 15.86
C TRP C 207 3.68 -24.85 16.90
N MET C 208 2.67 -25.71 16.92
CA MET C 208 2.61 -26.77 17.93
C MET C 208 3.60 -27.89 17.63
N ASP C 209 3.68 -28.30 16.36
CA ASP C 209 4.73 -29.23 15.91
C ASP C 209 5.97 -28.42 15.51
N LYS C 210 7.14 -28.77 16.06
CA LYS C 210 8.39 -28.09 15.73
C LYS C 210 8.69 -28.12 14.23
N GLU C 211 8.21 -29.14 13.53
CA GLU C 211 8.32 -29.20 12.07
C GLU C 211 7.43 -28.14 11.40
N LYS C 212 6.30 -27.86 12.01
CA LYS C 212 5.38 -26.81 11.54
C LYS C 212 5.95 -25.41 11.82
N GLU C 213 6.64 -25.25 12.95
CA GLU C 213 7.27 -23.98 13.30
C GLU C 213 8.33 -23.58 12.29
N GLU C 214 9.26 -24.50 12.02
CA GLU C 214 10.35 -24.24 11.04
C GLU C 214 9.77 -24.09 9.65
N SER C 215 8.67 -24.79 9.39
CA SER C 215 7.93 -24.65 8.14
C SER C 215 7.34 -23.23 8.02
N MET C 216 6.65 -22.79 9.05
CA MET C 216 6.13 -21.41 9.07
C MET C 216 7.25 -20.38 8.95
N LYS C 217 8.38 -20.59 9.64
CA LYS C 217 9.50 -19.64 9.59
C LYS C 217 10.01 -19.43 8.17
N GLU C 218 10.12 -20.53 7.41
CA GLU C 218 10.54 -20.47 6.01
C GLU C 218 9.45 -19.87 5.12
N THR C 219 8.20 -20.18 5.43
CA THR C 219 7.08 -19.64 4.63
C THR C 219 6.98 -18.12 4.82
N LEU C 220 7.18 -17.67 6.07
CA LEU C 220 7.04 -16.25 6.42
C LEU C 220 8.32 -15.43 6.28
N ARG C 221 9.44 -16.10 5.97
CA ARG C 221 10.75 -15.45 5.80
C ARG C 221 11.20 -14.72 7.04
N ILE C 222 11.04 -15.39 8.17
CA ILE C 222 11.43 -14.86 9.46
C ILE C 222 12.49 -15.78 10.06
N ARG C 223 13.23 -15.25 11.03
CA ARG C 223 14.29 -15.96 11.73
C ARG C 223 13.77 -16.52 13.04
N ARG C 224 12.66 -15.95 13.54
CA ARG C 224 12.03 -16.42 14.77
C ARG C 224 10.59 -15.99 14.80
N LEU C 225 9.79 -16.70 15.57
CA LEU C 225 8.42 -16.29 15.85
C LEU C 225 8.49 -15.19 16.90
N GLY C 226 7.47 -14.33 16.91
CA GLY C 226 7.38 -13.27 17.91
C GLY C 226 6.89 -13.82 19.24
N GLU C 227 7.13 -13.05 20.28
CA GLU C 227 6.55 -13.29 21.58
C GLU C 227 5.58 -12.15 21.83
N PRO C 228 4.62 -12.35 22.75
CA PRO C 228 3.73 -11.25 23.13
C PRO C 228 4.46 -9.92 23.44
N GLU C 229 5.53 -9.97 24.24
CA GLU C 229 6.24 -8.75 24.62
C GLU C 229 6.86 -7.97 23.45
N ASP C 230 7.04 -8.65 22.30
CA ASP C 230 7.49 -7.98 21.08
C ASP C 230 6.48 -6.94 20.57
N CYS C 231 5.23 -7.01 21.05
CA CYS C 231 4.17 -6.08 20.61
C CYS C 231 3.91 -4.91 21.58
N ALA C 232 4.41 -5.04 22.81
CA ALA C 232 4.04 -4.14 23.90
C ALA C 232 4.63 -2.73 23.75
N GLY C 233 5.89 -2.65 23.34
CA GLY C 233 6.64 -1.40 23.30
C GLY C 233 6.05 -0.40 22.34
N ILE C 234 5.66 -0.88 21.16
CA ILE C 234 5.12 0.02 20.16
C ILE C 234 3.74 0.51 20.61
N VAL C 235 2.93 -0.37 21.19
CA VAL C 235 1.59 0.02 21.64
C VAL C 235 1.70 1.03 22.77
N SER C 236 2.58 0.78 23.74
CA SER C 236 2.79 1.76 24.81
C SER C 236 3.28 3.10 24.31
N PHE C 237 4.11 3.08 23.28
CA PHE C 237 4.60 4.32 22.65
C PHE C 237 3.49 5.09 21.92
N LEU C 238 2.67 4.38 21.16
CA LEU C 238 1.56 4.98 20.43
C LEU C 238 0.49 5.56 21.36
N CYS C 239 0.33 4.92 22.54
CA CYS C 239 -0.59 5.42 23.57
C CYS C 239 -0.04 6.63 24.32
N SER C 240 1.19 7.05 24.04
CA SER C 240 1.82 8.15 24.76
C SER C 240 1.85 9.44 23.97
N GLU C 241 2.05 10.54 24.71
CA GLU C 241 2.07 11.85 24.09
C GLU C 241 3.36 12.05 23.31
N ASP C 242 4.34 11.17 23.50
CA ASP C 242 5.52 11.17 22.63
C ASP C 242 5.17 10.81 21.17
N ALA C 243 4.01 10.21 20.95
CA ALA C 243 3.48 9.92 19.61
C ALA C 243 2.37 10.88 19.16
N SER C 244 2.38 12.13 19.62
CA SER C 244 1.24 13.05 19.37
C SER C 244 1.06 13.39 17.92
N TYR C 245 2.10 13.18 17.13
CA TYR C 245 2.01 13.45 15.68
C TYR C 245 1.83 12.18 14.82
N ILE C 246 1.49 11.09 15.49
CA ILE C 246 1.15 9.82 14.84
C ILE C 246 -0.33 9.42 15.08
N THR C 247 -1.11 9.46 14.01
CA THR C 247 -2.49 8.99 14.07
C THR C 247 -2.84 8.47 12.69
N GLY C 248 -3.76 7.51 12.60
CA GLY C 248 -4.12 6.90 11.31
C GLY C 248 -3.06 5.95 10.77
N GLU C 249 -2.24 5.40 11.67
CA GLU C 249 -1.08 4.62 11.26
C GLU C 249 -1.21 3.18 11.71
N THR C 250 -0.94 2.24 10.80
CA THR C 250 -0.77 0.82 11.16
C THR C 250 0.71 0.45 11.23
N VAL C 251 1.15 -0.07 12.38
CA VAL C 251 2.52 -0.54 12.53
C VAL C 251 2.59 -2.07 12.54
N VAL C 252 3.35 -2.63 11.61
CA VAL C 252 3.50 -4.08 11.51
C VAL C 252 4.66 -4.54 12.39
N VAL C 253 4.39 -5.52 13.24
CA VAL C 253 5.40 -6.13 14.08
C VAL C 253 5.48 -7.61 13.68
N GLY C 254 6.20 -7.88 12.60
CA GLY C 254 6.25 -9.20 12.01
C GLY C 254 7.62 -9.78 11.75
N GLY C 255 8.67 -9.19 12.33
CA GLY C 255 10.02 -9.74 12.21
C GLY C 255 10.56 -9.81 10.80
N GLY C 256 10.08 -8.95 9.91
CA GLY C 256 10.54 -8.90 8.54
C GLY C 256 9.64 -9.56 7.52
N THR C 257 8.63 -10.31 7.98
CA THR C 257 7.72 -10.98 7.08
C THR C 257 7.07 -9.94 6.19
N PRO C 258 6.87 -10.26 4.90
CA PRO C 258 6.34 -9.27 3.97
C PRO C 258 4.99 -8.73 4.41
N SER C 259 4.76 -7.45 4.13
CA SER C 259 3.47 -6.82 4.42
C SER C 259 3.14 -5.82 3.33
N ARG C 260 3.69 -4.62 3.43
CA ARG C 260 3.46 -3.60 2.39
C ARG C 260 4.44 -2.41 2.48
N LEU C 261 4.52 -1.60 1.42
CA LEU C 261 5.43 -0.46 1.43
C LEU C 261 5.02 0.53 2.50
N ASP D 11 -15.07 -10.39 -30.18
CA ASP D 11 -16.03 -10.79 -29.11
C ASP D 11 -15.30 -11.52 -27.98
N PRO D 12 -14.53 -10.77 -27.15
CA PRO D 12 -13.73 -11.43 -26.12
C PRO D 12 -14.50 -12.32 -25.15
N LEU D 13 -15.80 -12.07 -24.99
CA LEU D 13 -16.59 -12.82 -24.03
C LEU D 13 -17.61 -13.77 -24.68
N ALA D 14 -17.33 -14.16 -25.92
CA ALA D 14 -18.27 -14.98 -26.71
C ALA D 14 -18.65 -16.25 -25.98
N ASN D 15 -19.96 -16.48 -25.87
CA ASN D 15 -20.53 -17.69 -25.27
C ASN D 15 -20.31 -17.82 -23.77
N LYS D 16 -19.93 -16.74 -23.09
CA LYS D 16 -19.78 -16.78 -21.64
C LYS D 16 -21.08 -16.32 -20.98
N VAL D 17 -21.34 -16.81 -19.77
CA VAL D 17 -22.53 -16.47 -19.04
C VAL D 17 -22.14 -15.63 -17.83
N ALA D 18 -22.67 -14.40 -17.79
CA ALA D 18 -22.34 -13.42 -16.74
C ALA D 18 -23.53 -13.04 -15.86
N LEU D 19 -23.39 -13.20 -14.54
CA LEU D 19 -24.26 -12.55 -13.57
C LEU D 19 -23.64 -11.21 -13.15
N VAL D 20 -24.45 -10.16 -13.14
CA VAL D 20 -24.04 -8.89 -12.59
C VAL D 20 -25.12 -8.45 -11.62
N THR D 21 -24.79 -8.42 -10.33
CA THR D 21 -25.71 -7.92 -9.33
C THR D 21 -25.85 -6.39 -9.43
N ALA D 22 -26.99 -5.89 -8.97
CA ALA D 22 -27.29 -4.46 -8.88
C ALA D 22 -27.02 -3.81 -10.20
N SER D 23 -27.58 -4.38 -11.26
CA SER D 23 -27.18 -3.99 -12.61
C SER D 23 -28.32 -3.39 -13.44
N THR D 24 -29.23 -2.70 -12.76
CA THR D 24 -30.39 -2.06 -13.41
C THR D 24 -30.26 -0.54 -13.45
N ASP D 25 -29.14 -0.01 -12.95
CA ASP D 25 -28.84 1.42 -13.03
C ASP D 25 -27.32 1.64 -12.85
N GLY D 26 -26.84 2.81 -13.28
CA GLY D 26 -25.50 3.27 -12.97
C GLY D 26 -24.37 2.32 -13.38
N ILE D 27 -23.42 2.11 -12.47
CA ILE D 27 -22.21 1.32 -12.78
C ILE D 27 -22.55 -0.13 -13.19
N GLY D 28 -23.35 -0.83 -12.39
CA GLY D 28 -23.73 -2.22 -12.72
C GLY D 28 -24.38 -2.35 -14.09
N PHE D 29 -25.24 -1.38 -14.41
CA PHE D 29 -25.89 -1.36 -15.71
C PHE D 29 -24.89 -1.15 -16.84
N ALA D 30 -23.97 -0.20 -16.68
CA ALA D 30 -22.90 0.01 -17.70
C ALA D 30 -22.03 -1.22 -17.90
N ILE D 31 -21.71 -1.91 -16.80
CA ILE D 31 -20.97 -3.15 -16.89
C ILE D 31 -21.75 -4.24 -17.65
N ALA D 32 -23.04 -4.38 -17.35
CA ALA D 32 -23.89 -5.39 -17.95
C ALA D 32 -23.98 -5.14 -19.46
N ARG D 33 -24.13 -3.88 -19.82
CA ARG D 33 -24.16 -3.51 -21.24
C ARG D 33 -22.87 -3.92 -21.95
N ARG D 34 -21.71 -3.56 -21.39
CA ARG D 34 -20.42 -3.80 -22.05
C ARG D 34 -20.11 -5.29 -22.22
N LEU D 35 -20.29 -6.04 -21.15
CA LEU D 35 -20.14 -7.49 -21.21
C LEU D 35 -20.97 -8.10 -22.32
N ALA D 36 -22.20 -7.60 -22.51
CA ALA D 36 -23.12 -8.13 -23.51
C ALA D 36 -22.64 -7.73 -24.89
N GLN D 37 -22.18 -6.49 -25.01
CA GLN D 37 -21.54 -5.99 -26.24
C GLN D 37 -20.32 -6.83 -26.63
N ASP D 38 -19.60 -7.32 -25.62
CA ASP D 38 -18.39 -8.12 -25.84
C ASP D 38 -18.68 -9.62 -26.03
N GLY D 39 -19.96 -9.99 -26.06
CA GLY D 39 -20.41 -11.32 -26.50
C GLY D 39 -21.03 -12.21 -25.45
N ALA D 40 -21.05 -11.73 -24.21
CA ALA D 40 -21.52 -12.53 -23.10
C ALA D 40 -23.04 -12.52 -23.06
N HIS D 41 -23.59 -13.63 -22.59
CA HIS D 41 -24.99 -13.70 -22.18
C HIS D 41 -25.05 -13.19 -20.73
N VAL D 42 -25.86 -12.18 -20.48
CA VAL D 42 -25.91 -11.51 -19.18
C VAL D 42 -27.29 -11.63 -18.53
N VAL D 43 -27.32 -12.00 -17.25
CA VAL D 43 -28.53 -11.92 -16.47
C VAL D 43 -28.37 -10.74 -15.53
N VAL D 44 -29.11 -9.66 -15.80
CA VAL D 44 -29.15 -8.51 -14.90
C VAL D 44 -30.16 -8.71 -13.79
N SER D 45 -29.93 -8.09 -12.64
CA SER D 45 -30.78 -8.22 -11.50
C SER D 45 -30.63 -7.06 -10.53
N SER D 46 -31.71 -6.78 -9.82
CA SER D 46 -31.72 -5.89 -8.65
C SER D 46 -33.00 -6.16 -7.84
N ARG D 47 -33.29 -5.31 -6.86
CA ARG D 47 -34.40 -5.59 -5.93
C ARG D 47 -35.79 -5.45 -6.54
N LYS D 48 -35.98 -4.56 -7.51
CA LYS D 48 -37.30 -4.20 -8.03
C LYS D 48 -37.56 -4.66 -9.47
N GLN D 49 -38.67 -5.35 -9.68
CA GLN D 49 -39.00 -5.94 -10.98
C GLN D 49 -39.11 -4.90 -12.09
N GLN D 50 -39.66 -3.72 -11.78
CA GLN D 50 -39.79 -2.69 -12.84
C GLN D 50 -38.42 -2.14 -13.30
N ASN D 51 -37.47 -2.03 -12.38
CA ASN D 51 -36.10 -1.65 -12.74
C ASN D 51 -35.45 -2.71 -13.60
N VAL D 52 -35.63 -3.96 -13.23
CA VAL D 52 -35.13 -5.08 -14.02
C VAL D 52 -35.72 -5.00 -15.43
N ASP D 53 -37.05 -4.86 -15.51
CA ASP D 53 -37.74 -4.90 -16.82
C ASP D 53 -37.31 -3.78 -17.74
N GLN D 54 -37.16 -2.59 -17.18
CA GLN D 54 -36.66 -1.44 -17.95
C GLN D 54 -35.23 -1.72 -18.43
N ALA D 55 -34.37 -2.15 -17.51
CA ALA D 55 -32.99 -2.53 -17.83
C ALA D 55 -32.94 -3.53 -18.98
N VAL D 56 -33.67 -4.63 -18.82
CA VAL D 56 -33.73 -5.69 -19.82
C VAL D 56 -34.30 -5.17 -21.16
N ALA D 57 -35.35 -4.37 -21.11
CA ALA D 57 -35.97 -3.88 -22.34
C ALA D 57 -35.01 -3.03 -23.14
N THR D 58 -34.26 -2.17 -22.47
CA THR D 58 -33.31 -1.28 -23.14
C THR D 58 -32.18 -2.06 -23.79
N LEU D 59 -31.61 -3.00 -23.04
CA LEU D 59 -30.50 -3.83 -23.55
C LEU D 59 -30.97 -4.80 -24.64
N GLN D 60 -32.19 -5.34 -24.52
CA GLN D 60 -32.76 -6.18 -25.58
C GLN D 60 -33.02 -5.35 -26.84
N GLY D 61 -33.41 -4.09 -26.66
CA GLY D 61 -33.66 -3.19 -27.80
C GLY D 61 -32.38 -2.82 -28.55
N GLU D 62 -31.24 -3.05 -27.91
CA GLU D 62 -29.92 -2.83 -28.53
C GLU D 62 -29.38 -4.11 -29.21
N GLY D 63 -30.16 -5.18 -29.19
CA GLY D 63 -29.80 -6.45 -29.83
C GLY D 63 -28.88 -7.34 -29.00
N LEU D 64 -28.86 -7.11 -27.68
CA LEU D 64 -27.92 -7.80 -26.79
C LEU D 64 -28.59 -8.98 -26.13
N SER D 65 -27.81 -10.04 -25.88
CA SER D 65 -28.33 -11.22 -25.20
C SER D 65 -28.43 -11.03 -23.69
N VAL D 66 -29.45 -10.26 -23.27
CA VAL D 66 -29.65 -9.95 -21.85
C VAL D 66 -31.04 -10.32 -21.39
N THR D 67 -31.13 -10.99 -20.25
CA THR D 67 -32.40 -11.23 -19.58
C THR D 67 -32.26 -10.78 -18.14
N GLY D 68 -33.36 -10.78 -17.41
CA GLY D 68 -33.34 -10.31 -16.03
C GLY D 68 -34.15 -11.13 -15.07
N THR D 69 -33.92 -10.85 -13.79
CA THR D 69 -34.67 -11.47 -12.71
C THR D 69 -34.44 -10.64 -11.46
N VAL D 70 -35.34 -10.71 -10.49
CA VAL D 70 -35.16 -10.01 -9.22
C VAL D 70 -34.16 -10.74 -8.33
N CYS D 71 -33.19 -10.00 -7.79
CA CYS D 71 -32.30 -10.54 -6.76
C CYS D 71 -31.84 -9.48 -5.77
N HIS D 72 -32.35 -9.57 -4.55
CA HIS D 72 -31.83 -8.82 -3.43
C HIS D 72 -30.67 -9.61 -2.85
N VAL D 73 -29.45 -9.07 -3.00
CA VAL D 73 -28.21 -9.78 -2.62
C VAL D 73 -28.15 -10.17 -1.16
N GLY D 74 -28.89 -9.45 -0.33
CA GLY D 74 -29.02 -9.77 1.11
C GLY D 74 -29.86 -11.01 1.43
N LYS D 75 -30.60 -11.52 0.45
CA LYS D 75 -31.44 -12.73 0.66
C LYS D 75 -30.79 -14.00 0.09
N ALA D 76 -30.50 -14.95 0.96
CA ALA D 76 -29.97 -16.25 0.54
C ALA D 76 -30.75 -16.89 -0.61
N GLU D 77 -32.09 -16.83 -0.55
CA GLU D 77 -32.93 -17.49 -1.56
C GLU D 77 -32.85 -16.80 -2.91
N ASP D 78 -32.73 -15.46 -2.89
CA ASP D 78 -32.55 -14.70 -4.12
C ASP D 78 -31.21 -15.04 -4.81
N ARG D 79 -30.15 -15.14 -4.03
CA ARG D 79 -28.82 -15.43 -4.57
C ARG D 79 -28.81 -16.79 -5.30
N GLU D 80 -29.33 -17.80 -4.63
CA GLU D 80 -29.37 -19.16 -5.15
C GLU D 80 -30.27 -19.27 -6.37
N ARG D 81 -31.41 -18.58 -6.34
CA ARG D 81 -32.34 -18.57 -7.47
C ARG D 81 -31.78 -17.80 -8.66
N LEU D 82 -30.97 -16.78 -8.40
CA LEU D 82 -30.30 -16.06 -9.48
C LEU D 82 -29.39 -17.03 -10.24
N VAL D 83 -28.62 -17.81 -9.49
CA VAL D 83 -27.74 -18.82 -10.07
C VAL D 83 -28.57 -19.86 -10.86
N ALA D 84 -29.63 -20.39 -10.25
CA ALA D 84 -30.50 -21.36 -10.92
C ALA D 84 -31.11 -20.81 -12.22
N THR D 85 -31.57 -19.57 -12.17
CA THR D 85 -32.14 -18.91 -13.36
C THR D 85 -31.14 -18.90 -14.52
N ALA D 86 -29.90 -18.48 -14.24
CA ALA D 86 -28.86 -18.42 -15.28
C ALA D 86 -28.53 -19.80 -15.84
N VAL D 87 -28.34 -20.78 -14.96
CA VAL D 87 -28.06 -22.16 -15.35
C VAL D 87 -29.19 -22.75 -16.21
N LYS D 88 -30.43 -22.58 -15.76
CA LYS D 88 -31.61 -23.04 -16.51
C LYS D 88 -31.64 -22.45 -17.92
N LEU D 89 -31.40 -21.14 -18.03
CA LEU D 89 -31.49 -20.46 -19.30
C LEU D 89 -30.27 -20.72 -20.20
N HIS D 90 -29.06 -20.73 -19.64
CA HIS D 90 -27.85 -20.75 -20.47
C HIS D 90 -26.97 -21.99 -20.33
N GLY D 91 -27.18 -22.80 -19.30
CA GLY D 91 -26.44 -24.06 -19.13
C GLY D 91 -25.27 -24.03 -18.13
N GLY D 92 -24.93 -22.84 -17.65
CA GLY D 92 -23.79 -22.65 -16.76
C GLY D 92 -23.49 -21.18 -16.48
N ILE D 93 -22.51 -20.95 -15.61
CA ILE D 93 -22.08 -19.61 -15.19
C ILE D 93 -20.56 -19.45 -15.31
N ASP D 94 -20.12 -18.40 -16.01
CA ASP D 94 -18.69 -18.14 -16.22
C ASP D 94 -18.16 -16.94 -15.45
N ILE D 95 -19.00 -15.91 -15.31
CA ILE D 95 -18.62 -14.62 -14.72
C ILE D 95 -19.62 -14.19 -13.62
N LEU D 96 -19.10 -13.70 -12.50
CA LEU D 96 -19.86 -12.94 -11.51
C LEU D 96 -19.26 -11.56 -11.27
N VAL D 97 -20.05 -10.50 -11.50
CA VAL D 97 -19.71 -9.17 -11.01
C VAL D 97 -20.65 -8.80 -9.87
N SER D 98 -20.08 -8.64 -8.67
CA SER D 98 -20.80 -8.22 -7.47
C SER D 98 -20.66 -6.70 -7.27
N ASN D 99 -21.78 -5.99 -7.42
CA ASN D 99 -21.80 -4.53 -7.47
C ASN D 99 -22.70 -3.84 -6.42
N ALA D 100 -23.42 -4.60 -5.60
CA ALA D 100 -24.43 -4.01 -4.71
C ALA D 100 -23.84 -3.35 -3.45
N ALA D 101 -24.41 -2.22 -3.05
CA ALA D 101 -24.00 -1.58 -1.78
C ALA D 101 -25.17 -0.91 -1.08
N VAL D 102 -25.17 -0.91 0.25
CA VAL D 102 -26.17 -0.12 0.98
C VAL D 102 -25.87 1.37 0.81
N ASN D 103 -26.92 2.17 0.66
CA ASN D 103 -26.76 3.63 0.52
C ASN D 103 -26.25 4.27 1.80
N PRO D 104 -25.08 4.92 1.73
CA PRO D 104 -24.59 5.51 2.96
C PRO D 104 -25.14 6.93 3.14
N PHE D 105 -25.42 7.30 4.39
CA PHE D 105 -25.83 8.66 4.71
C PHE D 105 -24.81 9.25 5.66
N PHE D 106 -24.51 10.53 5.46
CA PHE D 106 -23.53 11.21 6.30
C PHE D 106 -23.99 11.10 7.74
N GLY D 107 -23.08 10.67 8.60
CA GLY D 107 -23.39 10.58 10.02
C GLY D 107 -22.10 10.35 10.79
N SER D 108 -21.91 11.12 11.85
CA SER D 108 -20.80 10.91 12.76
C SER D 108 -20.85 9.47 13.29
N ILE D 109 -19.67 8.90 13.57
CA ILE D 109 -19.57 7.57 14.19
C ILE D 109 -20.39 7.54 15.48
N MET D 110 -20.44 8.66 16.18
CA MET D 110 -21.22 8.75 17.41
C MET D 110 -22.75 8.62 17.18
N ASP D 111 -23.19 8.81 15.94
CA ASP D 111 -24.62 8.76 15.58
C ASP D 111 -24.99 7.52 14.76
N VAL D 112 -23.99 6.83 14.21
CA VAL D 112 -24.25 5.58 13.50
C VAL D 112 -24.84 4.56 14.49
N THR D 113 -26.01 4.04 14.14
CA THR D 113 -26.67 3.02 14.95
C THR D 113 -26.03 1.65 14.69
N GLU D 114 -26.19 0.77 15.66
CA GLU D 114 -25.80 -0.62 15.48
C GLU D 114 -26.52 -1.29 14.30
N GLU D 115 -27.76 -0.88 14.03
CA GLU D 115 -28.53 -1.38 12.89
C GLU D 115 -27.86 -1.03 11.55
N VAL D 116 -27.32 0.18 11.45
CA VAL D 116 -26.58 0.58 10.25
C VAL D 116 -25.28 -0.25 10.11
N TRP D 117 -24.56 -0.47 11.22
CA TRP D 117 -23.37 -1.33 11.16
C TRP D 117 -23.71 -2.74 10.63
N ASP D 118 -24.80 -3.34 11.12
CA ASP D 118 -25.20 -4.69 10.72
C ASP D 118 -25.57 -4.76 9.25
N LYS D 119 -26.39 -3.83 8.80
CA LYS D 119 -26.89 -3.85 7.41
C LYS D 119 -25.75 -3.62 6.41
N THR D 120 -24.84 -2.73 6.79
CA THR D 120 -23.69 -2.37 5.96
C THR D 120 -22.70 -3.53 5.86
N LEU D 121 -22.35 -4.16 6.98
CA LEU D 121 -21.45 -5.30 6.91
C LEU D 121 -22.11 -6.49 6.19
N ASP D 122 -23.44 -6.66 6.38
CA ASP D 122 -24.21 -7.76 5.77
C ASP D 122 -24.21 -7.65 4.27
N ILE D 123 -24.70 -6.51 3.79
CA ILE D 123 -24.91 -6.32 2.36
C ILE D 123 -23.60 -6.07 1.58
N ASN D 124 -22.69 -5.30 2.18
CA ASN D 124 -21.45 -4.90 1.50
C ASN D 124 -20.31 -5.94 1.59
N VAL D 125 -20.26 -6.71 2.68
CA VAL D 125 -19.18 -7.67 2.89
C VAL D 125 -19.62 -9.15 2.85
N LYS D 126 -20.63 -9.52 3.63
CA LYS D 126 -21.03 -10.92 3.72
C LYS D 126 -21.68 -11.37 2.41
N ALA D 127 -22.57 -10.54 1.87
CA ALA D 127 -23.30 -10.88 0.67
C ALA D 127 -22.42 -11.21 -0.56
N PRO D 128 -21.43 -10.34 -0.90
CA PRO D 128 -20.46 -10.69 -1.96
C PRO D 128 -19.76 -12.03 -1.74
N ALA D 129 -19.38 -12.32 -0.49
CA ALA D 129 -18.72 -13.57 -0.16
C ALA D 129 -19.65 -14.77 -0.40
N LEU D 130 -20.91 -14.64 0.01
CA LEU D 130 -21.87 -15.72 -0.11
C LEU D 130 -22.36 -15.87 -1.54
N MET D 131 -22.45 -14.75 -2.25
CA MET D 131 -22.74 -14.76 -3.67
C MET D 131 -21.65 -15.48 -4.47
N THR D 132 -20.39 -15.23 -4.11
CA THR D 132 -19.28 -15.94 -4.75
C THR D 132 -19.39 -17.44 -4.45
N LYS D 133 -19.58 -17.78 -3.18
CA LYS D 133 -19.80 -19.17 -2.77
C LYS D 133 -20.87 -19.89 -3.64
N ALA D 134 -21.96 -19.18 -3.91
CA ALA D 134 -23.08 -19.66 -4.71
C ALA D 134 -22.70 -19.96 -6.15
N VAL D 135 -21.77 -19.19 -6.72
CA VAL D 135 -21.37 -19.40 -8.13
C VAL D 135 -20.21 -20.38 -8.33
N VAL D 136 -19.43 -20.65 -7.28
CA VAL D 136 -18.19 -21.44 -7.39
C VAL D 136 -18.40 -22.87 -7.96
N PRO D 137 -19.41 -23.63 -7.46
CA PRO D 137 -19.62 -24.96 -8.02
C PRO D 137 -19.96 -24.93 -9.51
N GLU D 138 -20.70 -23.92 -9.96
CA GLU D 138 -21.01 -23.78 -11.38
C GLU D 138 -19.77 -23.46 -12.22
N MET D 139 -18.93 -22.56 -11.73
CA MET D 139 -17.71 -22.16 -12.44
C MET D 139 -16.76 -23.36 -12.52
N GLU D 140 -16.68 -24.15 -11.44
CA GLU D 140 -15.95 -25.41 -11.47
C GLU D 140 -16.36 -26.32 -12.65
N LYS D 141 -17.66 -26.43 -12.89
CA LYS D 141 -18.19 -27.25 -13.99
C LYS D 141 -17.78 -26.74 -15.36
N ARG D 142 -17.42 -25.46 -15.45
CA ARG D 142 -17.00 -24.83 -16.71
C ARG D 142 -15.48 -24.77 -16.88
N GLY D 143 -14.74 -25.33 -15.93
CA GLY D 143 -13.29 -25.33 -15.99
C GLY D 143 -12.67 -24.07 -15.42
N GLY D 144 -13.47 -23.28 -14.71
CA GLY D 144 -13.02 -22.04 -14.10
C GLY D 144 -13.94 -20.87 -14.40
N GLY D 145 -13.54 -19.68 -13.93
CA GLY D 145 -14.34 -18.49 -14.12
C GLY D 145 -13.65 -17.21 -13.67
N SER D 146 -14.43 -16.13 -13.61
CA SER D 146 -13.91 -14.84 -13.23
C SER D 146 -14.93 -14.08 -12.38
N VAL D 147 -14.48 -13.60 -11.22
CA VAL D 147 -15.25 -12.77 -10.31
C VAL D 147 -14.66 -11.36 -10.20
N VAL D 148 -15.50 -10.33 -10.35
CA VAL D 148 -15.12 -8.95 -10.03
C VAL D 148 -16.00 -8.37 -8.93
N ILE D 149 -15.35 -7.89 -7.88
CA ILE D 149 -15.98 -7.25 -6.73
C ILE D 149 -15.83 -5.73 -6.85
N VAL D 150 -16.93 -4.98 -6.76
CA VAL D 150 -16.88 -3.51 -6.78
C VAL D 150 -16.70 -2.96 -5.35
N SER D 151 -15.49 -2.48 -5.04
CA SER D 151 -15.26 -1.75 -3.80
C SER D 151 -15.41 -0.25 -4.07
N SER D 152 -14.44 0.55 -3.64
CA SER D 152 -14.45 2.01 -3.88
C SER D 152 -13.11 2.61 -3.52
N ILE D 153 -12.80 3.76 -4.10
CA ILE D 153 -11.70 4.62 -3.62
C ILE D 153 -11.76 4.86 -2.10
N ALA D 154 -12.96 4.90 -1.55
CA ALA D 154 -13.12 5.01 -0.09
C ALA D 154 -12.39 3.93 0.69
N ALA D 155 -12.11 2.78 0.06
CA ALA D 155 -11.32 1.72 0.74
C ALA D 155 -9.93 2.22 1.13
N PHE D 156 -9.37 3.10 0.30
CA PHE D 156 -8.02 3.64 0.49
C PHE D 156 -8.01 5.01 1.16
N SER D 157 -8.99 5.84 0.81
CA SER D 157 -9.08 7.25 1.23
C SER D 157 -10.47 7.56 1.77
N PRO D 158 -10.71 7.23 3.04
CA PRO D 158 -12.05 7.42 3.57
C PRO D 158 -12.34 8.89 3.91
N SER D 159 -13.58 9.34 3.66
CA SER D 159 -14.04 10.66 4.13
C SER D 159 -14.78 10.51 5.45
N PRO D 160 -14.68 11.52 6.35
CA PRO D 160 -15.47 11.38 7.56
C PRO D 160 -16.99 11.44 7.25
N GLY D 161 -17.77 10.89 8.16
CA GLY D 161 -19.21 10.84 7.99
C GLY D 161 -19.72 9.58 7.31
N PHE D 162 -18.81 8.69 6.88
CA PHE D 162 -19.21 7.48 6.17
C PHE D 162 -18.46 6.26 6.68
N SER D 163 -18.21 6.21 7.98
CA SER D 163 -17.31 5.21 8.52
C SER D 163 -17.73 3.75 8.21
N PRO D 164 -19.01 3.38 8.47
CA PRO D 164 -19.40 2.00 8.15
C PRO D 164 -19.16 1.60 6.70
N TYR D 165 -19.55 2.46 5.77
CA TYR D 165 -19.35 2.17 4.37
C TYR D 165 -17.85 2.06 4.05
N ASN D 166 -17.05 2.99 4.58
CA ASN D 166 -15.59 3.04 4.37
C ASN D 166 -14.96 1.70 4.80
N VAL D 167 -15.26 1.30 6.03
CA VAL D 167 -14.80 0.01 6.56
C VAL D 167 -15.18 -1.18 5.67
N SER D 168 -16.40 -1.16 5.12
CA SER D 168 -16.90 -2.23 4.30
C SER D 168 -16.15 -2.28 2.96
N LYS D 169 -15.79 -1.13 2.43
CA LYS D 169 -15.10 -1.10 1.16
C LYS D 169 -13.64 -1.52 1.28
N THR D 170 -12.99 -1.21 2.41
CA THR D 170 -11.65 -1.70 2.73
C THR D 170 -11.68 -3.21 2.94
N ALA D 171 -12.74 -3.69 3.60
CA ALA D 171 -12.93 -5.12 3.77
C ALA D 171 -12.98 -5.85 2.44
N LEU D 172 -13.55 -5.24 1.41
CA LEU D 172 -13.64 -5.89 0.11
C LEU D 172 -12.27 -6.10 -0.56
N LEU D 173 -11.28 -5.29 -0.20
CA LEU D 173 -9.90 -5.47 -0.66
C LEU D 173 -9.39 -6.82 -0.14
N GLY D 174 -9.64 -7.07 1.14
CA GLY D 174 -9.30 -8.33 1.76
C GLY D 174 -10.02 -9.54 1.18
N LEU D 175 -11.31 -9.38 0.89
CA LEU D 175 -12.12 -10.44 0.29
C LEU D 175 -11.63 -10.77 -1.10
N THR D 176 -11.30 -9.76 -1.89
CA THR D 176 -10.70 -10.01 -3.18
C THR D 176 -9.42 -10.84 -3.06
N LYS D 177 -8.55 -10.49 -2.11
CA LYS D 177 -7.25 -11.15 -1.93
C LYS D 177 -7.40 -12.59 -1.41
N THR D 178 -8.27 -12.76 -0.41
CA THR D 178 -8.42 -14.07 0.22
C THR D 178 -9.13 -15.07 -0.71
N LEU D 179 -10.13 -14.60 -1.47
CA LEU D 179 -10.80 -15.42 -2.48
C LEU D 179 -9.87 -15.77 -3.66
N ALA D 180 -9.10 -14.78 -4.15
CA ALA D 180 -8.17 -15.04 -5.26
C ALA D 180 -7.19 -16.17 -4.94
N ILE D 181 -6.67 -16.19 -3.71
CA ILE D 181 -5.78 -17.25 -3.24
C ILE D 181 -6.53 -18.58 -3.09
N GLU D 182 -7.66 -18.57 -2.39
CA GLU D 182 -8.43 -19.79 -2.16
C GLU D 182 -8.94 -20.43 -3.43
N LEU D 183 -9.39 -19.62 -4.38
CA LEU D 183 -10.05 -20.14 -5.56
C LEU D 183 -9.14 -20.41 -6.76
N ALA D 184 -7.87 -19.98 -6.70
CA ALA D 184 -6.93 -20.17 -7.81
C ALA D 184 -6.84 -21.64 -8.28
N PRO D 185 -6.78 -22.60 -7.34
CA PRO D 185 -6.74 -24.00 -7.76
C PRO D 185 -7.96 -24.50 -8.54
N ARG D 186 -9.09 -23.79 -8.47
CA ARG D 186 -10.28 -24.13 -9.26
C ARG D 186 -10.31 -23.34 -10.57
N ASN D 187 -9.21 -22.67 -10.88
CA ASN D 187 -9.09 -21.79 -12.06
C ASN D 187 -10.10 -20.62 -12.06
N ILE D 188 -10.36 -20.09 -10.88
CA ILE D 188 -11.24 -18.94 -10.73
C ILE D 188 -10.41 -17.72 -10.32
N ARG D 189 -10.39 -16.72 -11.18
CA ARG D 189 -9.76 -15.45 -10.86
C ARG D 189 -10.74 -14.52 -10.15
N VAL D 190 -10.23 -13.75 -9.20
CA VAL D 190 -10.99 -12.77 -8.43
C VAL D 190 -10.23 -11.44 -8.38
N ASN D 191 -10.82 -10.40 -8.97
CA ASN D 191 -10.28 -9.05 -9.01
C ASN D 191 -11.32 -8.03 -8.50
N CYS D 192 -10.89 -6.79 -8.32
CA CYS D 192 -11.71 -5.75 -7.72
C CYS D 192 -11.64 -4.46 -8.51
N LEU D 193 -12.82 -3.87 -8.75
CA LEU D 193 -12.93 -2.49 -9.24
C LEU D 193 -13.14 -1.50 -8.08
N ALA D 194 -12.32 -0.46 -8.00
CA ALA D 194 -12.44 0.59 -7.01
C ALA D 194 -12.68 1.94 -7.67
N PRO D 195 -13.96 2.29 -7.93
CA PRO D 195 -14.20 3.57 -8.62
C PRO D 195 -13.97 4.78 -7.73
N GLY D 196 -13.60 5.90 -8.34
CA GLY D 196 -13.63 7.18 -7.69
C GLY D 196 -15.05 7.73 -7.75
N LEU D 197 -15.19 9.05 -7.73
CA LEU D 197 -16.50 9.69 -7.72
C LEU D 197 -17.10 9.63 -9.12
N ILE D 198 -18.13 8.80 -9.25
CA ILE D 198 -18.88 8.59 -10.48
C ILE D 198 -20.26 9.25 -10.37
N LYS D 199 -20.76 9.87 -11.44
CA LYS D 199 -22.06 10.55 -11.38
C LYS D 199 -23.19 9.54 -11.45
N THR D 200 -23.67 9.09 -10.30
CA THR D 200 -24.88 8.25 -10.21
C THR D 200 -25.76 8.73 -9.06
N SER D 201 -26.96 8.16 -8.94
CA SER D 201 -27.86 8.51 -7.83
C SER D 201 -27.27 8.13 -6.48
N PHE D 202 -26.51 7.04 -6.47
CA PHE D 202 -25.82 6.59 -5.25
C PHE D 202 -24.97 7.70 -4.61
N SER D 203 -24.30 8.49 -5.45
CA SER D 203 -23.37 9.51 -4.99
C SER D 203 -23.94 10.95 -5.06
N ARG D 204 -25.22 11.08 -5.36
CA ARG D 204 -25.83 12.40 -5.60
C ARG D 204 -25.51 13.48 -4.55
N MET D 205 -25.35 13.15 -3.26
CA MET D 205 -25.03 14.17 -2.24
CA MET D 205 -25.06 14.19 -2.27
C MET D 205 -23.71 14.89 -2.54
N LEU D 206 -22.82 14.22 -3.28
CA LEU D 206 -21.48 14.76 -3.59
C LEU D 206 -21.38 15.49 -4.93
N TRP D 207 -22.43 15.46 -5.76
CA TRP D 207 -22.38 16.15 -7.06
C TRP D 207 -23.65 16.84 -7.54
N MET D 208 -24.80 16.61 -6.91
CA MET D 208 -26.06 17.14 -7.45
C MET D 208 -26.03 18.68 -7.55
N ASP D 209 -25.64 19.33 -6.45
CA ASP D 209 -25.35 20.76 -6.48
C ASP D 209 -24.06 21.04 -7.26
N LYS D 210 -24.11 21.93 -8.25
CA LYS D 210 -22.89 22.32 -8.98
C LYS D 210 -21.79 22.87 -8.03
N GLU D 211 -22.19 23.68 -7.05
CA GLU D 211 -21.22 24.22 -6.09
C GLU D 211 -20.49 23.07 -5.38
N LYS D 212 -21.26 22.05 -4.97
CA LYS D 212 -20.69 20.86 -4.34
C LYS D 212 -19.79 20.07 -5.30
N GLU D 213 -20.18 19.98 -6.57
CA GLU D 213 -19.39 19.27 -7.58
C GLU D 213 -18.01 19.89 -7.70
N GLU D 214 -17.96 21.21 -7.90
CA GLU D 214 -16.69 21.94 -8.01
C GLU D 214 -15.84 21.79 -6.75
N SER D 215 -16.50 21.80 -5.59
CA SER D 215 -15.82 21.63 -4.32
C SER D 215 -15.14 20.25 -4.22
N MET D 216 -15.88 19.21 -4.59
CA MET D 216 -15.36 17.84 -4.56
C MET D 216 -14.24 17.62 -5.58
N LYS D 217 -14.38 18.22 -6.76
CA LYS D 217 -13.34 18.10 -7.78
C LYS D 217 -11.99 18.63 -7.28
N GLU D 218 -12.03 19.82 -6.66
CA GLU D 218 -10.84 20.44 -6.06
C GLU D 218 -10.27 19.54 -4.98
N THR D 219 -11.14 19.08 -4.08
CA THR D 219 -10.77 18.23 -2.96
C THR D 219 -10.16 16.87 -3.39
N LEU D 220 -10.73 16.27 -4.43
CA LEU D 220 -10.27 14.97 -4.93
C LEU D 220 -9.15 15.09 -5.99
N ARG D 221 -8.83 16.33 -6.39
CA ARG D 221 -7.76 16.60 -7.34
C ARG D 221 -8.01 15.94 -8.68
N ILE D 222 -9.23 16.12 -9.18
CA ILE D 222 -9.66 15.54 -10.45
C ILE D 222 -10.14 16.64 -11.37
N ARG D 223 -10.10 16.36 -12.66
CA ARG D 223 -10.52 17.30 -13.68
C ARG D 223 -11.99 17.12 -14.05
N ARG D 224 -12.52 15.92 -13.88
CA ARG D 224 -13.94 15.64 -14.10
C ARG D 224 -14.43 14.54 -13.17
N LEU D 225 -15.74 14.48 -13.00
CA LEU D 225 -16.35 13.34 -12.35
C LEU D 225 -16.34 12.17 -13.31
N GLY D 226 -16.33 10.97 -12.76
CA GLY D 226 -16.52 9.79 -13.57
C GLY D 226 -17.94 9.61 -14.06
N GLU D 227 -18.09 8.82 -15.12
CA GLU D 227 -19.36 8.31 -15.60
C GLU D 227 -19.37 6.80 -15.41
N PRO D 228 -20.57 6.19 -15.40
CA PRO D 228 -20.64 4.73 -15.29
C PRO D 228 -19.86 3.98 -16.36
N GLU D 229 -19.91 4.42 -17.62
CA GLU D 229 -19.17 3.72 -18.67
C GLU D 229 -17.63 3.78 -18.50
N ASP D 230 -17.13 4.67 -17.64
CA ASP D 230 -15.69 4.72 -17.32
C ASP D 230 -15.22 3.45 -16.60
N CYS D 231 -16.13 2.77 -15.93
CA CYS D 231 -15.86 1.54 -15.20
C CYS D 231 -16.03 0.24 -15.98
N ALA D 232 -16.69 0.33 -17.13
CA ALA D 232 -17.14 -0.85 -17.88
C ALA D 232 -16.00 -1.61 -18.54
N GLY D 233 -15.14 -0.91 -19.28
CA GLY D 233 -14.01 -1.54 -19.98
C GLY D 233 -13.08 -2.39 -19.14
N ILE D 234 -12.60 -1.84 -18.04
CA ILE D 234 -11.69 -2.58 -17.16
C ILE D 234 -12.36 -3.85 -16.62
N VAL D 235 -13.63 -3.76 -16.25
CA VAL D 235 -14.35 -4.95 -15.78
C VAL D 235 -14.45 -6.03 -16.85
N SER D 236 -14.84 -5.65 -18.07
CA SER D 236 -14.95 -6.58 -19.18
C SER D 236 -13.61 -7.23 -19.49
N PHE D 237 -12.55 -6.41 -19.51
CA PHE D 237 -11.17 -6.90 -19.66
C PHE D 237 -10.83 -7.98 -18.63
N LEU D 238 -10.97 -7.62 -17.35
CA LEU D 238 -10.72 -8.53 -16.23
C LEU D 238 -11.50 -9.85 -16.31
N CYS D 239 -12.68 -9.80 -16.92
CA CYS D 239 -13.53 -10.98 -17.11
C CYS D 239 -13.08 -11.88 -18.27
N SER D 240 -12.27 -11.31 -19.16
CA SER D 240 -11.82 -12.01 -20.35
C SER D 240 -10.56 -12.82 -20.08
N GLU D 241 -10.33 -13.82 -20.93
CA GLU D 241 -9.14 -14.66 -20.88
C GLU D 241 -7.86 -13.89 -21.21
N ASP D 242 -8.00 -12.74 -21.88
CA ASP D 242 -6.90 -11.80 -22.02
C ASP D 242 -6.31 -11.27 -20.68
N ALA D 243 -7.01 -11.50 -19.57
CA ALA D 243 -6.55 -11.13 -18.24
C ALA D 243 -6.23 -12.37 -17.42
N SER D 244 -5.90 -13.47 -18.08
CA SER D 244 -5.67 -14.76 -17.39
C SER D 244 -4.52 -14.73 -16.40
N TYR D 245 -3.57 -13.79 -16.53
CA TYR D 245 -2.48 -13.66 -15.53
C TYR D 245 -2.74 -12.55 -14.50
N ILE D 246 -4.00 -12.11 -14.39
CA ILE D 246 -4.40 -11.11 -13.40
C ILE D 246 -5.43 -11.68 -12.39
N THR D 247 -5.00 -11.84 -11.15
CA THR D 247 -5.88 -12.25 -10.08
C THR D 247 -5.36 -11.64 -8.80
N GLY D 248 -6.27 -11.37 -7.88
CA GLY D 248 -5.96 -10.73 -6.62
C GLY D 248 -5.71 -9.23 -6.72
N GLU D 249 -6.15 -8.60 -7.82
CA GLU D 249 -5.78 -7.23 -8.16
C GLU D 249 -6.97 -6.27 -8.03
N THR D 250 -6.76 -5.14 -7.36
CA THR D 250 -7.73 -4.05 -7.33
C THR D 250 -7.28 -2.98 -8.31
N VAL D 251 -8.15 -2.63 -9.26
CA VAL D 251 -7.88 -1.54 -10.20
C VAL D 251 -8.74 -0.31 -9.89
N VAL D 252 -8.08 0.80 -9.63
CA VAL D 252 -8.74 2.04 -9.27
C VAL D 252 -9.03 2.80 -10.54
N VAL D 253 -10.26 3.30 -10.61
CA VAL D 253 -10.74 4.08 -11.74
C VAL D 253 -11.26 5.37 -11.14
N GLY D 254 -10.35 6.31 -10.93
CA GLY D 254 -10.63 7.51 -10.13
C GLY D 254 -10.20 8.83 -10.74
N GLY D 255 -9.85 8.80 -12.01
CA GLY D 255 -9.40 10.00 -12.74
C GLY D 255 -8.20 10.74 -12.16
N GLY D 256 -7.41 10.05 -11.32
CA GLY D 256 -6.18 10.61 -10.78
C GLY D 256 -6.23 10.89 -9.30
N THR D 257 -7.44 10.80 -8.70
CA THR D 257 -7.55 11.11 -7.27
C THR D 257 -6.63 10.17 -6.52
N PRO D 258 -6.08 10.61 -5.39
CA PRO D 258 -5.17 9.72 -4.70
C PRO D 258 -5.79 8.41 -4.21
N SER D 259 -4.99 7.35 -4.27
CA SER D 259 -5.41 6.06 -3.77
C SER D 259 -4.25 5.41 -3.05
N ARG D 260 -3.37 4.78 -3.81
CA ARG D 260 -2.23 4.10 -3.24
C ARG D 260 -1.23 3.74 -4.33
N LEU D 261 -0.03 3.40 -3.87
CA LEU D 261 1.07 3.02 -4.76
C LEU D 261 0.74 1.70 -5.45
#